data_7PCT
#
_entry.id   7PCT
#
_cell.length_a   58.290
_cell.length_b   76.030
_cell.length_c   78.230
_cell.angle_alpha   90.000
_cell.angle_beta   106.140
_cell.angle_gamma   90.000
#
_symmetry.space_group_name_H-M   'P 1 21 1'
#
loop_
_entity.id
_entity.type
_entity.pdbx_description
1 polymer 'Ketol-acid reductoisomerase'
2 non-polymer NICOTINAMIDE-ADENINE-DINUCLEOTIDE
3 non-polymer 'MAGNESIUM ION'
4 non-polymer '(~{Z})-2-oxidanylbut-2-enedioic acid'
5 non-polymer GLYCEROL
6 water water
#
_entity_poly.entity_id   1
_entity_poly.type   'polypeptide(L)'
_entity_poly.pdbx_seq_one_letter_code
;GSHMASNDLIYQDEHASLQPLEGRTVAVIGYGIQGRAFAANLRDSGVAVRVGNIDDRYFELARAEGHRVTNIAEAVAHAD
IVLLLIPDEAHGAVFDVDIAPNLRDGALLCVAHGHSLVQGDVRPLPGRDLAMLAPRMYGDPIRRYYLAGQGAPAYFDIVA
DHTGRARDRVLAIARAVGFTRAGVMALGYRQETFLDLFQEQFLAPALVDLVETGFQVLVERGFNPKAALLEVYGSGQMGK
MMLDGADIGLDEVVALQGSPTCQVGYHRWRGRTLPTAVRELAARVLDQIEGGDFSAYLKEQASNDYASLDDARRAALKRP
LNVAHAQVRAAFRFPTEAAGGLYQAAQAPADVEPEAAR
;
_entity_poly.pdbx_strand_id   A,B
#
# COMPACT_ATOMS: atom_id res chain seq x y z
N ASN A 7 26.35 -4.38 -16.50
CA ASN A 7 24.97 -4.94 -16.58
C ASN A 7 24.62 -5.64 -15.26
N ASP A 8 23.34 -5.79 -14.95
CA ASP A 8 22.92 -6.17 -13.58
C ASP A 8 23.08 -7.68 -13.33
N LEU A 9 23.64 -7.99 -12.16
CA LEU A 9 23.77 -9.37 -11.65
C LEU A 9 22.62 -9.59 -10.66
N ILE A 10 21.64 -10.40 -11.06
CA ILE A 10 20.44 -10.66 -10.23
C ILE A 10 20.32 -12.17 -10.03
N TYR A 11 20.32 -12.57 -8.77
CA TYR A 11 20.31 -13.98 -8.34
C TYR A 11 18.92 -14.32 -7.83
N GLN A 12 18.37 -15.39 -8.40
CA GLN A 12 17.10 -16.01 -7.95
C GLN A 12 17.42 -17.40 -7.43
N ASP A 13 16.41 -18.19 -7.10
CA ASP A 13 16.62 -19.50 -6.45
C ASP A 13 17.54 -20.36 -7.34
N GLU A 14 17.44 -20.25 -8.67
CA GLU A 14 18.23 -21.09 -9.60
C GLU A 14 19.73 -20.75 -9.51
N HIS A 15 20.09 -19.63 -8.87
CA HIS A 15 21.49 -19.11 -8.83
C HIS A 15 22.09 -19.24 -7.43
N ALA A 16 21.45 -19.97 -6.53
CA ALA A 16 21.91 -20.10 -5.12
C ALA A 16 21.45 -21.44 -4.56
N SER A 17 22.08 -21.88 -3.48
CA SER A 17 21.69 -23.15 -2.82
C SER A 17 22.03 -23.09 -1.35
N LEU A 18 21.48 -24.01 -0.57
CA LEU A 18 21.79 -24.07 0.87
C LEU A 18 23.04 -24.91 1.13
N GLN A 19 23.66 -25.50 0.10
CA GLN A 19 24.83 -26.39 0.30
C GLN A 19 25.95 -25.67 1.06
N PRO A 20 26.28 -24.38 0.78
CA PRO A 20 27.35 -23.72 1.53
C PRO A 20 27.14 -23.62 3.04
N LEU A 21 25.90 -23.82 3.50
CA LEU A 21 25.57 -23.72 4.95
C LEU A 21 25.62 -25.09 5.63
N GLU A 22 25.87 -26.17 4.90
CA GLU A 22 25.90 -27.53 5.51
C GLU A 22 26.98 -27.56 6.59
N GLY A 23 26.59 -27.93 7.81
CA GLY A 23 27.47 -28.08 8.97
C GLY A 23 27.87 -26.75 9.58
N ARG A 24 27.36 -25.62 9.07
CA ARG A 24 27.76 -24.28 9.57
C ARG A 24 26.68 -23.69 10.47
N THR A 25 27.12 -22.90 11.45
CA THR A 25 26.23 -22.18 12.38
C THR A 25 26.18 -20.71 12.00
N VAL A 26 24.98 -20.16 11.95
CA VAL A 26 24.78 -18.71 11.72
C VAL A 26 24.43 -18.07 13.07
N ALA A 27 25.19 -17.05 13.46
CA ALA A 27 24.86 -16.19 14.61
C ALA A 27 24.09 -14.98 14.09
N VAL A 28 22.84 -14.84 14.49
CA VAL A 28 22.04 -13.61 14.25
C VAL A 28 22.28 -12.69 15.44
N ILE A 29 22.95 -11.57 15.20
CA ILE A 29 23.24 -10.56 16.26
C ILE A 29 22.11 -9.53 16.21
N GLY A 30 21.29 -9.53 17.25
CA GLY A 30 20.04 -8.77 17.27
C GLY A 30 18.85 -9.64 16.97
N TYR A 31 17.69 -9.19 17.42
CA TYR A 31 16.44 -9.97 17.30
C TYR A 31 15.29 -8.98 17.12
N GLY A 32 15.59 -7.88 16.43
CA GLY A 32 14.61 -6.83 16.14
C GLY A 32 13.87 -7.09 14.85
N ILE A 33 13.54 -6.01 14.16
CA ILE A 33 12.68 -6.06 12.96
C ILE A 33 13.31 -7.05 11.96
N GLN A 34 14.60 -6.92 11.68
CA GLN A 34 15.29 -7.84 10.72
C GLN A 34 15.73 -9.11 11.46
N GLY A 35 16.37 -9.00 12.62
CA GLY A 35 16.93 -10.16 13.33
C GLY A 35 15.91 -11.25 13.53
N ARG A 36 14.70 -10.90 13.98
CA ARG A 36 13.68 -11.93 14.30
C ARG A 36 13.29 -12.68 13.03
N ALA A 37 13.12 -11.97 11.91
CA ALA A 37 12.73 -12.57 10.63
C ALA A 37 13.87 -13.46 10.10
N PHE A 38 15.11 -13.00 10.14
CA PHE A 38 16.26 -13.81 9.68
C PHE A 38 16.32 -15.10 10.50
N ALA A 39 16.22 -14.99 11.81
CA ALA A 39 16.41 -16.15 12.71
C ALA A 39 15.28 -17.17 12.46
N ALA A 40 14.05 -16.73 12.34
CA ALA A 40 12.89 -17.63 12.12
C ALA A 40 13.05 -18.34 10.77
N ASN A 41 13.40 -17.59 9.72
CA ASN A 41 13.46 -18.16 8.34
C ASN A 41 14.67 -19.09 8.21
N LEU A 42 15.82 -18.73 8.80
CA LEU A 42 17.00 -19.63 8.82
C LEU A 42 16.62 -20.96 9.48
N ARG A 43 16.00 -20.90 10.66
CA ARG A 43 15.62 -22.15 11.38
C ARG A 43 14.69 -23.01 10.52
N ASP A 44 13.69 -22.38 9.88
CA ASP A 44 12.67 -23.13 9.10
C ASP A 44 13.28 -23.67 7.81
N SER A 45 14.38 -23.07 7.33
CA SER A 45 15.12 -23.53 6.14
C SER A 45 16.13 -24.63 6.51
N GLY A 46 16.19 -25.06 7.77
CA GLY A 46 17.10 -26.15 8.21
C GLY A 46 18.53 -25.69 8.40
N VAL A 47 18.73 -24.40 8.71
CA VAL A 47 20.08 -23.85 8.99
C VAL A 47 20.25 -23.76 10.51
N ALA A 48 21.39 -24.20 11.02
CA ALA A 48 21.73 -24.08 12.46
C ALA A 48 21.87 -22.59 12.79
N VAL A 49 21.13 -22.14 13.78
CA VAL A 49 21.05 -20.68 14.05
C VAL A 49 21.14 -20.49 15.56
N ARG A 50 21.85 -19.45 15.96
CA ARG A 50 21.83 -18.98 17.36
C ARG A 50 21.74 -17.46 17.34
N VAL A 51 21.27 -16.91 18.45
CA VAL A 51 21.00 -15.47 18.59
C VAL A 51 21.98 -14.92 19.63
N GLY A 52 22.69 -13.84 19.27
CA GLY A 52 23.50 -13.02 20.19
C GLY A 52 22.77 -11.71 20.45
N ASN A 53 22.55 -11.35 21.71
CA ASN A 53 21.76 -10.14 22.04
C ASN A 53 22.22 -9.60 23.40
N ILE A 54 22.11 -8.28 23.58
CA ILE A 54 22.34 -7.62 24.89
C ILE A 54 21.19 -7.96 25.84
N ASP A 55 21.30 -7.53 27.09
CA ASP A 55 20.30 -7.78 28.14
C ASP A 55 19.14 -6.80 27.96
N ASP A 56 18.13 -7.18 27.19
CA ASP A 56 16.91 -6.36 26.96
C ASP A 56 15.72 -7.27 26.59
N ARG A 57 14.58 -6.69 26.23
CA ARG A 57 13.34 -7.49 25.99
C ARG A 57 13.58 -8.42 24.81
N TYR A 58 14.46 -8.08 23.88
CA TYR A 58 14.64 -8.89 22.65
C TYR A 58 15.35 -10.20 22.99
N PHE A 59 16.25 -10.18 23.98
CA PHE A 59 16.90 -11.42 24.50
C PHE A 59 15.82 -12.40 24.96
N GLU A 60 14.90 -11.91 25.80
CA GLU A 60 13.84 -12.73 26.39
C GLU A 60 12.89 -13.18 25.29
N LEU A 61 12.60 -12.35 24.29
CA LEU A 61 11.70 -12.75 23.17
C LEU A 61 12.32 -13.92 22.41
N ALA A 62 13.62 -13.86 22.11
CA ALA A 62 14.32 -14.93 21.37
C ALA A 62 14.26 -16.23 22.20
N ARG A 63 14.39 -16.14 23.53
CA ARG A 63 14.23 -17.32 24.42
C ARG A 63 12.80 -17.85 24.31
N ALA A 64 11.80 -16.99 24.40
CA ALA A 64 10.37 -17.38 24.31
C ALA A 64 10.10 -18.07 22.98
N GLU A 65 10.81 -17.69 21.92
CA GLU A 65 10.58 -18.22 20.55
C GLU A 65 11.54 -19.38 20.25
N GLY A 66 12.18 -19.94 21.28
CA GLY A 66 12.79 -21.28 21.25
C GLY A 66 14.22 -21.27 20.71
N HIS A 67 14.83 -20.10 20.60
CA HIS A 67 16.22 -19.96 20.09
C HIS A 67 17.25 -20.24 21.19
N ARG A 68 18.47 -20.54 20.74
CA ARG A 68 19.69 -20.58 21.59
C ARG A 68 20.19 -19.15 21.69
N VAL A 69 20.09 -18.56 22.86
CA VAL A 69 20.34 -17.10 23.04
C VAL A 69 21.48 -16.90 24.03
N THR A 70 22.47 -16.10 23.65
CA THR A 70 23.59 -15.71 24.52
C THR A 70 23.92 -14.24 24.28
N ASN A 71 24.85 -13.72 25.06
CA ASN A 71 25.49 -12.41 24.77
C ASN A 71 26.14 -12.49 23.38
N ILE A 72 26.50 -11.33 22.84
CA ILE A 72 26.96 -11.21 21.43
C ILE A 72 28.30 -11.92 21.26
N ALA A 73 29.27 -11.70 22.15
CA ALA A 73 30.62 -12.29 22.02
C ALA A 73 30.53 -13.83 21.94
N GLU A 74 29.73 -14.45 22.81
CA GLU A 74 29.58 -15.92 22.85
C GLU A 74 28.93 -16.41 21.55
N ALA A 75 27.92 -15.69 21.03
CA ALA A 75 27.25 -16.08 19.78
C ALA A 75 28.28 -16.06 18.64
N VAL A 76 29.08 -15.00 18.57
CA VAL A 76 30.11 -14.84 17.50
C VAL A 76 31.13 -15.98 17.61
N ALA A 77 31.59 -16.29 18.83
CA ALA A 77 32.67 -17.29 19.04
C ALA A 77 32.24 -18.67 18.51
N HIS A 78 30.94 -18.92 18.42
CA HIS A 78 30.38 -20.26 18.07
C HIS A 78 29.86 -20.25 16.62
N ALA A 79 30.17 -19.22 15.83
CA ALA A 79 29.54 -19.01 14.52
C ALA A 79 30.54 -19.06 13.35
N ASP A 80 30.08 -19.59 12.22
CA ASP A 80 30.79 -19.56 10.91
C ASP A 80 30.36 -18.33 10.12
N ILE A 81 29.14 -17.87 10.32
CA ILE A 81 28.56 -16.69 9.63
C ILE A 81 27.88 -15.85 10.70
N VAL A 82 28.16 -14.54 10.69
CA VAL A 82 27.61 -13.58 11.68
C VAL A 82 26.82 -12.54 10.92
N LEU A 83 25.57 -12.34 11.32
CA LEU A 83 24.69 -11.30 10.70
C LEU A 83 24.48 -10.20 11.73
N LEU A 84 24.99 -9.01 11.45
CA LEU A 84 24.95 -7.89 12.42
C LEU A 84 23.65 -7.10 12.20
N LEU A 85 22.58 -7.48 12.91
CA LEU A 85 21.23 -6.93 12.71
C LEU A 85 20.82 -6.14 13.97
N ILE A 86 21.63 -5.13 14.30
CA ILE A 86 21.35 -4.10 15.34
C ILE A 86 21.38 -2.72 14.70
N PRO A 87 20.90 -1.66 15.38
CA PRO A 87 20.93 -0.28 14.87
C PRO A 87 22.36 0.11 14.42
N ASP A 88 22.43 0.76 13.27
CA ASP A 88 23.69 1.09 12.57
C ASP A 88 24.62 1.87 13.50
N GLU A 89 24.12 2.82 14.29
CA GLU A 89 25.01 3.64 15.17
C GLU A 89 25.67 2.77 16.25
N ALA A 90 25.14 1.58 16.56
CA ALA A 90 25.73 0.69 17.59
C ALA A 90 26.78 -0.24 16.98
N HIS A 91 26.92 -0.27 15.66
CA HIS A 91 27.83 -1.23 14.98
C HIS A 91 29.28 -1.06 15.45
N GLY A 92 29.79 0.17 15.54
CA GLY A 92 31.21 0.45 15.80
C GLY A 92 31.67 -0.19 17.10
N ALA A 93 30.97 0.09 18.20
CA ALA A 93 31.36 -0.37 19.54
C ALA A 93 31.21 -1.90 19.64
N VAL A 94 30.12 -2.46 19.10
CA VAL A 94 29.86 -3.92 19.13
C VAL A 94 30.89 -4.63 18.25
N PHE A 95 31.22 -4.05 17.09
CA PHE A 95 32.26 -4.62 16.19
C PHE A 95 33.59 -4.71 16.93
N ASP A 96 34.04 -3.59 17.50
CA ASP A 96 35.39 -3.51 18.13
C ASP A 96 35.48 -4.41 19.36
N VAL A 97 34.43 -4.47 20.18
CA VAL A 97 34.53 -5.13 21.52
C VAL A 97 34.07 -6.59 21.42
N ASP A 98 32.95 -6.84 20.74
CA ASP A 98 32.26 -8.15 20.81
C ASP A 98 32.52 -8.99 19.56
N ILE A 99 32.63 -8.39 18.37
CA ILE A 99 32.68 -9.21 17.13
C ILE A 99 34.14 -9.45 16.72
N ALA A 100 34.92 -8.41 16.45
CA ALA A 100 36.28 -8.57 15.86
C ALA A 100 37.14 -9.53 16.71
N PRO A 101 37.18 -9.44 18.06
CA PRO A 101 38.03 -10.34 18.84
C PRO A 101 37.61 -11.83 18.79
N ASN A 102 36.38 -12.11 18.35
CA ASN A 102 35.76 -13.45 18.43
C ASN A 102 35.46 -14.05 17.06
N LEU A 103 35.59 -13.28 15.98
CA LEU A 103 35.24 -13.78 14.62
C LEU A 103 36.26 -14.85 14.25
N ARG A 104 35.78 -16.06 13.92
CA ARG A 104 36.64 -17.20 13.55
C ARG A 104 37.44 -16.91 12.28
N ASP A 105 38.59 -17.54 12.12
CA ASP A 105 39.35 -17.50 10.85
C ASP A 105 38.43 -18.06 9.76
N GLY A 106 38.32 -17.34 8.65
CA GLY A 106 37.49 -17.76 7.49
C GLY A 106 36.01 -17.51 7.70
N ALA A 107 35.60 -16.88 8.81
CA ALA A 107 34.17 -16.59 9.05
C ALA A 107 33.73 -15.43 8.18
N LEU A 108 32.42 -15.34 7.95
CA LEU A 108 31.76 -14.28 7.16
C LEU A 108 30.95 -13.39 8.09
N LEU A 109 31.20 -12.09 8.03
CA LEU A 109 30.38 -11.07 8.71
C LEU A 109 29.53 -10.36 7.64
N CYS A 110 28.23 -10.27 7.86
CA CYS A 110 27.30 -9.55 6.98
C CYS A 110 26.62 -8.42 7.74
N VAL A 111 26.49 -7.28 7.07
CA VAL A 111 25.60 -6.16 7.51
C VAL A 111 24.41 -6.11 6.54
N ALA A 112 23.32 -5.47 6.97
CA ALA A 112 22.07 -5.37 6.17
C ALA A 112 21.85 -3.94 5.66
N HIS A 113 22.86 -3.08 5.78
CA HIS A 113 22.87 -1.66 5.36
C HIS A 113 24.32 -1.22 5.27
N GLY A 114 24.68 -0.44 4.26
CA GLY A 114 26.09 -0.09 4.03
C GLY A 114 26.60 1.02 4.94
N HIS A 115 25.76 1.63 5.79
CA HIS A 115 26.15 2.87 6.48
C HIS A 115 27.40 2.66 7.34
N SER A 116 27.46 1.61 8.16
CA SER A 116 28.66 1.39 9.03
C SER A 116 29.90 1.10 8.19
N LEU A 117 29.76 0.54 6.99
CA LEU A 117 30.92 0.34 6.07
C LEU A 117 31.39 1.68 5.52
N VAL A 118 30.47 2.54 5.08
CA VAL A 118 30.80 3.88 4.54
C VAL A 118 31.55 4.65 5.64
N GLN A 119 31.08 4.56 6.89
CA GLN A 119 31.63 5.39 7.99
C GLN A 119 32.92 4.78 8.58
N GLY A 120 33.27 3.55 8.20
CA GLY A 120 34.47 2.85 8.72
C GLY A 120 34.26 2.31 10.12
N ASP A 121 33.01 2.14 10.57
CA ASP A 121 32.70 1.57 11.90
C ASP A 121 32.75 0.04 11.87
N VAL A 122 32.55 -0.54 10.70
CA VAL A 122 32.78 -1.98 10.43
C VAL A 122 33.78 -2.04 9.28
N ARG A 123 34.81 -2.86 9.42
CA ARG A 123 35.96 -2.85 8.50
C ARG A 123 36.33 -4.29 8.16
N PRO A 124 36.92 -4.53 6.98
CA PRO A 124 37.52 -5.83 6.68
C PRO A 124 38.55 -6.23 7.74
N LEU A 125 38.57 -7.52 8.08
CA LEU A 125 39.56 -8.12 9.01
C LEU A 125 40.39 -9.14 8.23
N PRO A 126 41.75 -9.12 8.34
CA PRO A 126 42.60 -10.16 7.72
C PRO A 126 42.02 -11.54 8.04
N GLY A 127 41.90 -12.41 7.03
CA GLY A 127 41.56 -13.83 7.22
C GLY A 127 40.06 -14.06 7.26
N ARG A 128 39.25 -13.01 7.09
CA ARG A 128 37.78 -13.16 7.21
C ARG A 128 37.09 -12.52 6.01
N ASP A 129 35.83 -12.84 5.85
CA ASP A 129 34.99 -12.32 4.74
C ASP A 129 34.01 -11.29 5.30
N LEU A 130 33.66 -10.32 4.47
CA LEU A 130 32.77 -9.20 4.83
C LEU A 130 31.83 -8.91 3.67
N ALA A 131 30.55 -8.79 3.96
CA ALA A 131 29.55 -8.56 2.90
C ALA A 131 28.37 -7.74 3.43
N MET A 132 27.60 -7.25 2.48
CA MET A 132 26.28 -6.62 2.73
C MET A 132 25.21 -7.51 2.10
N LEU A 133 24.15 -7.78 2.84
CA LEU A 133 22.90 -8.38 2.29
C LEU A 133 21.76 -7.53 2.85
N ALA A 134 21.22 -6.66 2.01
CA ALA A 134 20.34 -5.55 2.46
C ALA A 134 18.93 -5.77 1.93
N PRO A 135 17.99 -6.28 2.76
CA PRO A 135 16.62 -6.50 2.29
C PRO A 135 15.93 -5.18 1.93
N ARG A 136 14.97 -5.24 1.00
CA ARG A 136 14.20 -4.03 0.57
C ARG A 136 12.79 -4.09 1.18
N MET A 137 12.69 -4.58 2.40
CA MET A 137 11.38 -4.79 3.06
C MET A 137 11.61 -4.98 4.55
N TYR A 138 10.60 -4.69 5.37
CA TYR A 138 10.69 -4.88 6.84
C TYR A 138 10.30 -6.31 7.20
N GLY A 139 10.38 -6.64 8.48
CA GLY A 139 10.43 -8.03 8.96
C GLY A 139 9.12 -8.78 8.76
N ASP A 140 8.00 -8.21 9.18
CA ASP A 140 6.71 -8.96 9.17
C ASP A 140 6.42 -9.42 7.75
N PRO A 141 6.50 -8.57 6.70
CA PRO A 141 6.30 -9.06 5.34
C PRO A 141 7.34 -10.10 4.89
N ILE A 142 8.60 -9.93 5.26
CA ILE A 142 9.63 -10.96 4.92
C ILE A 142 9.16 -12.32 5.48
N ARG A 143 8.65 -12.33 6.72
CA ARG A 143 8.23 -13.58 7.37
C ARG A 143 6.94 -14.11 6.73
N ARG A 144 5.92 -13.27 6.51
CA ARG A 144 4.65 -13.69 5.88
C ARG A 144 4.95 -14.24 4.48
N TYR A 145 5.74 -13.51 3.71
CA TYR A 145 6.13 -13.97 2.35
C TYR A 145 6.82 -15.33 2.45
N TYR A 146 7.77 -15.48 3.38
CA TYR A 146 8.53 -16.74 3.54
C TYR A 146 7.56 -17.91 3.72
N LEU A 147 6.59 -17.78 4.62
CA LEU A 147 5.65 -18.89 4.93
C LEU A 147 4.76 -19.20 3.72
N ALA A 148 4.58 -18.24 2.81
CA ALA A 148 3.75 -18.39 1.60
C ALA A 148 4.60 -18.83 0.39
N GLY A 149 5.88 -19.16 0.59
CA GLY A 149 6.77 -19.58 -0.51
C GLY A 149 7.25 -18.42 -1.38
N GLN A 150 7.17 -17.21 -0.85
CA GLN A 150 7.51 -15.94 -1.54
C GLN A 150 8.67 -15.25 -0.82
N GLY A 151 9.10 -14.12 -1.37
CA GLY A 151 10.18 -13.32 -0.79
C GLY A 151 10.16 -11.88 -1.25
N ALA A 152 11.00 -11.09 -0.62
CA ALA A 152 11.24 -9.66 -0.94
C ALA A 152 12.61 -9.53 -1.59
N PRO A 153 12.83 -8.49 -2.42
CA PRO A 153 14.15 -8.29 -3.01
C PRO A 153 15.18 -7.89 -1.95
N ALA A 154 16.45 -8.06 -2.32
CA ALA A 154 17.58 -7.58 -1.51
C ALA A 154 18.70 -7.13 -2.45
N TYR A 155 19.60 -6.28 -1.95
CA TYR A 155 20.87 -5.95 -2.64
C TYR A 155 22.00 -6.61 -1.88
N PHE A 156 23.08 -6.95 -2.58
CA PHE A 156 24.24 -7.55 -1.92
C PHE A 156 25.53 -6.97 -2.48
N ASP A 157 26.57 -7.02 -1.65
CA ASP A 157 27.93 -6.60 -2.05
C ASP A 157 28.95 -7.44 -1.29
N ILE A 158 29.96 -7.94 -2.00
CA ILE A 158 31.08 -8.68 -1.37
C ILE A 158 32.21 -7.68 -1.17
N VAL A 159 32.48 -7.34 0.09
CA VAL A 159 33.43 -6.26 0.45
C VAL A 159 34.84 -6.83 0.59
N ALA A 160 34.97 -7.95 1.30
CA ALA A 160 36.24 -8.66 1.48
C ALA A 160 35.98 -10.15 1.40
N ASP A 161 36.84 -10.87 0.69
CA ASP A 161 36.61 -12.30 0.40
C ASP A 161 37.94 -13.01 0.55
N HIS A 162 38.36 -13.23 1.78
CA HIS A 162 39.58 -14.02 2.08
C HIS A 162 39.41 -15.46 1.60
N THR A 163 38.26 -16.09 1.87
CA THR A 163 38.05 -17.53 1.64
C THR A 163 37.89 -17.81 0.14
N GLY A 164 37.43 -16.83 -0.64
CA GLY A 164 36.97 -17.02 -2.02
C GLY A 164 35.57 -17.61 -2.10
N ARG A 165 34.90 -17.84 -0.96
CA ARG A 165 33.58 -18.51 -0.89
C ARG A 165 32.52 -17.52 -0.40
N ALA A 166 32.85 -16.25 -0.21
CA ALA A 166 31.92 -15.28 0.41
C ALA A 166 30.63 -15.17 -0.44
N ARG A 167 30.74 -15.07 -1.77
CA ARG A 167 29.56 -14.83 -2.64
C ARG A 167 28.53 -15.93 -2.42
N ASP A 168 28.95 -17.20 -2.51
CA ASP A 168 27.97 -18.31 -2.44
C ASP A 168 27.42 -18.44 -1.01
N ARG A 169 28.21 -18.06 0.00
CA ARG A 169 27.75 -18.12 1.41
C ARG A 169 26.70 -17.02 1.66
N VAL A 170 26.95 -15.80 1.19
CA VAL A 170 25.97 -14.67 1.31
C VAL A 170 24.68 -15.08 0.57
N LEU A 171 24.80 -15.62 -0.62
CA LEU A 171 23.59 -15.94 -1.43
C LEU A 171 22.87 -17.15 -0.83
N ALA A 172 23.58 -18.05 -0.15
CA ALA A 172 22.94 -19.18 0.56
C ALA A 172 22.11 -18.62 1.72
N ILE A 173 22.63 -17.64 2.47
CA ILE A 173 21.83 -16.96 3.53
C ILE A 173 20.60 -16.34 2.85
N ALA A 174 20.79 -15.65 1.74
CA ALA A 174 19.68 -14.98 1.01
C ALA A 174 18.62 -16.01 0.61
N ARG A 175 19.03 -17.18 0.13
CA ARG A 175 18.07 -18.23 -0.29
C ARG A 175 17.36 -18.78 0.95
N ALA A 176 18.08 -18.98 2.05
CA ALA A 176 17.49 -19.53 3.29
C ALA A 176 16.43 -18.57 3.86
N VAL A 177 16.63 -17.25 3.71
CA VAL A 177 15.73 -16.23 4.31
C VAL A 177 14.64 -15.84 3.29
N GLY A 178 14.84 -16.17 2.00
CA GLY A 178 13.75 -16.06 1.00
C GLY A 178 13.96 -15.01 -0.06
N PHE A 179 15.03 -14.20 0.01
CA PHE A 179 15.19 -13.03 -0.88
C PHE A 179 15.43 -13.49 -2.33
N THR A 180 16.02 -14.66 -2.56
CA THR A 180 16.25 -15.15 -3.94
C THR A 180 14.91 -15.52 -4.61
N ARG A 181 13.82 -15.65 -3.86
CA ARG A 181 12.50 -15.93 -4.47
C ARG A 181 12.04 -14.71 -5.28
N ALA A 182 12.47 -13.51 -4.87
CA ALA A 182 12.20 -12.25 -5.61
C ALA A 182 13.38 -11.93 -6.53
N GLY A 183 14.56 -11.80 -5.94
CA GLY A 183 15.79 -11.45 -6.67
C GLY A 183 16.75 -10.72 -5.78
N VAL A 184 18.02 -11.10 -5.84
CA VAL A 184 19.09 -10.46 -5.03
C VAL A 184 20.08 -9.86 -6.02
N MET A 185 20.16 -8.53 -6.03
CA MET A 185 20.94 -7.79 -7.05
C MET A 185 22.24 -7.25 -6.46
N ALA A 186 23.34 -7.39 -7.20
CA ALA A 186 24.61 -6.75 -6.80
C ALA A 186 24.45 -5.23 -6.82
N LEU A 187 24.79 -4.59 -5.70
CA LEU A 187 24.79 -3.11 -5.61
C LEU A 187 25.83 -2.72 -4.57
N GLY A 188 26.70 -1.79 -4.91
CA GLY A 188 27.77 -1.34 -4.00
C GLY A 188 27.20 -0.88 -2.66
N TYR A 189 27.90 -1.16 -1.56
CA TYR A 189 27.39 -0.80 -0.21
C TYR A 189 27.24 0.73 -0.08
N ARG A 190 28.09 1.52 -0.73
CA ARG A 190 27.97 2.99 -0.60
C ARG A 190 26.70 3.45 -1.32
N GLN A 191 26.45 2.95 -2.54
CA GLN A 191 25.21 3.28 -3.26
C GLN A 191 23.98 2.81 -2.46
N GLU A 192 24.01 1.61 -1.89
CA GLU A 192 22.87 1.10 -1.10
C GLU A 192 22.61 2.07 0.05
N THR A 193 23.67 2.55 0.71
CA THR A 193 23.51 3.43 1.89
C THR A 193 22.73 4.67 1.46
N PHE A 194 23.19 5.34 0.41
CA PHE A 194 22.63 6.66 0.02
C PHE A 194 21.21 6.46 -0.50
N LEU A 195 20.95 5.38 -1.24
CA LEU A 195 19.65 5.10 -1.86
C LEU A 195 18.62 4.82 -0.75
N ASP A 196 19.00 3.97 0.19
CA ASP A 196 18.15 3.59 1.33
C ASP A 196 17.79 4.84 2.13
N LEU A 197 18.80 5.66 2.48
CA LEU A 197 18.58 6.86 3.31
C LEU A 197 17.69 7.85 2.55
N PHE A 198 17.81 7.94 1.23
CA PHE A 198 16.99 8.88 0.41
C PHE A 198 15.52 8.45 0.48
N GLN A 199 15.25 7.15 0.41
CA GLN A 199 13.85 6.66 0.49
C GLN A 199 13.28 7.05 1.87
N GLU A 200 14.11 6.98 2.90
CA GLU A 200 13.67 7.20 4.30
C GLU A 200 13.48 8.69 4.61
N GLN A 201 14.26 9.55 3.97
CA GLN A 201 14.39 10.99 4.33
C GLN A 201 13.65 11.89 3.35
N PHE A 202 13.61 11.56 2.07
CA PHE A 202 12.79 12.30 1.09
C PHE A 202 11.45 11.60 0.90
N LEU A 203 11.43 10.36 0.41
CA LEU A 203 10.18 9.82 -0.17
C LEU A 203 9.16 9.50 0.92
N ALA A 204 9.53 8.77 1.97
CA ALA A 204 8.56 8.37 3.01
C ALA A 204 7.94 9.60 3.66
N PRO A 205 8.71 10.59 4.19
CA PRO A 205 8.12 11.80 4.76
C PRO A 205 7.27 12.60 3.75
N ALA A 206 7.70 12.67 2.48
CA ALA A 206 6.93 13.42 1.46
C ALA A 206 5.59 12.73 1.19
N LEU A 207 5.56 11.39 1.11
CA LEU A 207 4.29 10.65 0.92
C LEU A 207 3.35 10.94 2.09
N VAL A 208 3.85 10.83 3.32
CA VAL A 208 2.98 11.06 4.50
C VAL A 208 2.57 12.55 4.53
N ASP A 209 3.50 13.46 4.24
CA ASP A 209 3.16 14.91 4.26
C ASP A 209 2.08 15.19 3.20
N LEU A 210 2.12 14.50 2.07
CA LEU A 210 1.12 14.71 1.00
C LEU A 210 -0.24 14.23 1.46
N VAL A 211 -0.31 13.03 2.02
CA VAL A 211 -1.56 12.46 2.58
C VAL A 211 -2.11 13.45 3.62
N GLU A 212 -1.23 13.93 4.49
CA GLU A 212 -1.64 14.86 5.56
C GLU A 212 -2.14 16.19 4.96
N THR A 213 -1.49 16.68 3.91
CA THR A 213 -1.92 17.90 3.21
C THR A 213 -3.33 17.70 2.66
N GLY A 214 -3.59 16.57 2.00
CA GLY A 214 -4.94 16.28 1.48
C GLY A 214 -5.95 16.32 2.62
N PHE A 215 -5.63 15.67 3.74
CA PHE A 215 -6.51 15.67 4.92
C PHE A 215 -6.77 17.11 5.38
N GLN A 216 -5.70 17.89 5.58
CA GLN A 216 -5.81 19.27 6.12
C GLN A 216 -6.67 20.12 5.19
N VAL A 217 -6.44 20.05 3.87
CA VAL A 217 -7.20 20.87 2.89
C VAL A 217 -8.68 20.48 2.94
N LEU A 218 -8.98 19.18 2.96
CA LEU A 218 -10.40 18.72 3.00
C LEU A 218 -11.07 19.24 4.28
N VAL A 219 -10.39 19.13 5.42
CA VAL A 219 -11.01 19.59 6.70
C VAL A 219 -11.22 21.11 6.63
N GLU A 220 -10.22 21.85 6.13
CA GLU A 220 -10.29 23.34 6.01
C GLU A 220 -11.48 23.70 5.11
N ARG A 221 -11.79 22.87 4.12
CA ARG A 221 -12.82 23.14 3.10
C ARG A 221 -14.16 22.50 3.51
N GLY A 222 -14.29 22.08 4.77
CA GLY A 222 -15.59 21.78 5.41
C GLY A 222 -16.01 20.33 5.28
N PHE A 223 -15.12 19.44 4.81
CA PHE A 223 -15.45 18.00 4.65
C PHE A 223 -15.41 17.28 6.00
N ASN A 224 -16.22 16.23 6.09
CA ASN A 224 -16.27 15.31 7.25
C ASN A 224 -14.86 14.78 7.52
N PRO A 225 -14.26 15.03 8.71
CA PRO A 225 -12.91 14.56 8.97
C PRO A 225 -12.69 13.04 8.89
N LYS A 226 -13.66 12.23 9.32
CA LYS A 226 -13.51 10.75 9.22
C LYS A 226 -13.43 10.37 7.75
N ALA A 227 -14.31 10.93 6.93
CA ALA A 227 -14.31 10.65 5.48
C ALA A 227 -13.01 11.14 4.86
N ALA A 228 -12.54 12.33 5.23
CA ALA A 228 -11.28 12.88 4.69
C ALA A 228 -10.14 11.91 5.01
N LEU A 229 -10.06 11.42 6.25
CA LEU A 229 -8.97 10.51 6.71
C LEU A 229 -9.07 9.21 5.89
N LEU A 230 -10.28 8.67 5.75
CA LEU A 230 -10.48 7.42 4.99
C LEU A 230 -9.98 7.60 3.56
N GLU A 231 -10.33 8.71 2.91
CA GLU A 231 -9.98 8.86 1.48
C GLU A 231 -8.46 9.00 1.34
N VAL A 232 -7.80 9.76 2.22
CA VAL A 232 -6.37 10.06 1.95
C VAL A 232 -5.48 8.84 2.28
N TYR A 233 -5.92 7.91 3.14
CA TYR A 233 -5.22 6.61 3.33
C TYR A 233 -6.03 5.62 4.17
N GLY A 234 -6.91 6.08 5.08
CA GLY A 234 -7.51 5.23 6.11
C GLY A 234 -8.36 4.08 5.57
N SER A 235 -8.91 4.21 4.37
CA SER A 235 -9.74 3.14 3.75
C SER A 235 -8.85 1.99 3.27
N GLY A 236 -7.55 2.24 3.10
CA GLY A 236 -6.57 1.33 2.49
C GLY A 236 -6.51 1.47 0.98
N GLN A 237 -7.36 2.31 0.38
CA GLN A 237 -7.38 2.40 -1.10
C GLN A 237 -6.03 2.90 -1.61
N MET A 238 -5.47 3.95 -1.02
CA MET A 238 -4.20 4.52 -1.53
C MET A 238 -3.07 3.50 -1.33
N GLY A 239 -3.02 2.82 -0.18
CA GLY A 239 -2.03 1.74 0.04
C GLY A 239 -2.19 0.61 -0.97
N LYS A 240 -3.43 0.16 -1.20
CA LYS A 240 -3.70 -0.94 -2.15
C LYS A 240 -3.23 -0.51 -3.55
N MET A 241 -3.48 0.73 -3.94
CA MET A 241 -3.08 1.24 -5.28
C MET A 241 -1.54 1.16 -5.37
N MET A 242 -0.84 1.57 -4.32
CA MET A 242 0.65 1.59 -4.33
C MET A 242 1.21 0.17 -4.30
N LEU A 243 0.58 -0.74 -3.57
CA LEU A 243 1.07 -2.14 -3.48
C LEU A 243 0.73 -2.90 -4.76
N ASP A 244 -0.47 -2.74 -5.29
CA ASP A 244 -0.81 -3.35 -6.60
C ASP A 244 0.08 -2.72 -7.69
N GLY A 245 0.38 -1.43 -7.56
CA GLY A 245 1.29 -0.74 -8.49
C GLY A 245 2.66 -1.41 -8.55
N ALA A 246 3.16 -1.92 -7.43
CA ALA A 246 4.45 -2.62 -7.42
C ALA A 246 4.38 -3.80 -8.41
N ASP A 247 3.24 -4.47 -8.48
CA ASP A 247 3.06 -5.62 -9.41
C ASP A 247 3.00 -5.09 -10.86
N ILE A 248 2.03 -4.23 -11.17
CA ILE A 248 1.60 -3.98 -12.57
C ILE A 248 1.97 -2.58 -13.07
N GLY A 249 2.41 -1.68 -12.19
CA GLY A 249 2.72 -0.28 -12.55
C GLY A 249 1.64 0.65 -12.03
N LEU A 250 2.01 1.87 -11.63
CA LEU A 250 1.04 2.76 -10.94
C LEU A 250 0.00 3.29 -11.93
N ASP A 251 0.42 3.73 -13.11
CA ASP A 251 -0.51 4.25 -14.14
C ASP A 251 -1.42 3.10 -14.59
N GLU A 252 -0.87 1.88 -14.69
CA GLU A 252 -1.65 0.68 -15.07
C GLU A 252 -2.73 0.36 -14.03
N VAL A 253 -2.46 0.49 -12.73
CA VAL A 253 -3.51 0.27 -11.70
C VAL A 253 -4.71 1.18 -12.01
N VAL A 254 -4.46 2.46 -12.30
CA VAL A 254 -5.56 3.42 -12.60
C VAL A 254 -6.30 2.96 -13.87
N ALA A 255 -5.59 2.54 -14.90
CA ALA A 255 -6.21 2.08 -16.16
C ALA A 255 -7.09 0.86 -15.92
N LEU A 256 -6.66 -0.03 -15.03
CA LEU A 256 -7.36 -1.31 -14.76
C LEU A 256 -8.49 -1.08 -13.77
N GLN A 257 -8.26 -0.34 -12.69
CA GLN A 257 -9.16 -0.36 -11.50
C GLN A 257 -9.96 0.93 -11.36
N GLY A 258 -9.67 1.95 -12.15
CA GLY A 258 -10.40 3.23 -12.05
C GLY A 258 -11.62 3.24 -12.95
N SER A 259 -12.73 3.80 -12.47
CA SER A 259 -13.87 4.14 -13.34
C SER A 259 -13.36 5.09 -14.42
N PRO A 260 -14.05 5.28 -15.56
CA PRO A 260 -13.65 6.30 -16.52
C PRO A 260 -13.59 7.70 -15.89
N THR A 261 -14.51 8.00 -14.97
CA THR A 261 -14.52 9.28 -14.23
C THR A 261 -13.19 9.45 -13.50
N CYS A 262 -12.77 8.41 -12.79
CA CYS A 262 -11.49 8.41 -12.04
C CYS A 262 -10.32 8.58 -13.01
N GLN A 263 -10.28 7.83 -14.11
CA GLN A 263 -9.13 7.87 -15.05
C GLN A 263 -9.04 9.26 -15.69
N VAL A 264 -10.17 9.84 -16.09
CA VAL A 264 -10.17 11.19 -16.72
C VAL A 264 -9.65 12.21 -15.68
N GLY A 265 -10.11 12.12 -14.43
CA GLY A 265 -9.62 13.00 -13.36
C GLY A 265 -8.12 12.87 -13.13
N TYR A 266 -7.65 11.64 -12.97
CA TYR A 266 -6.23 11.31 -12.69
C TYR A 266 -5.34 11.89 -13.79
N HIS A 267 -5.70 11.64 -15.05
CA HIS A 267 -4.87 12.08 -16.20
C HIS A 267 -5.00 13.58 -16.44
N ARG A 268 -5.98 14.26 -15.84
CA ARG A 268 -6.03 15.75 -15.95
C ARG A 268 -4.86 16.37 -15.18
N TRP A 269 -4.40 15.73 -14.10
CA TRP A 269 -3.39 16.30 -13.18
C TRP A 269 -2.11 15.47 -13.11
N ARG A 270 -2.08 14.24 -13.62
CA ARG A 270 -0.86 13.39 -13.64
C ARG A 270 0.27 14.18 -14.31
N GLY A 271 1.44 14.24 -13.65
CA GLY A 271 2.63 14.92 -14.17
C GLY A 271 2.58 16.42 -13.95
N ARG A 272 1.55 16.96 -13.28
CA ARG A 272 1.33 18.43 -13.19
C ARG A 272 1.13 18.90 -11.74
N THR A 273 1.18 18.02 -10.74
CA THR A 273 0.78 18.41 -9.36
C THR A 273 1.90 19.12 -8.58
N LEU A 274 3.18 18.88 -8.91
CA LEU A 274 4.30 19.29 -8.03
C LEU A 274 5.05 20.49 -8.59
N PRO A 275 5.37 21.47 -7.72
CA PRO A 275 6.23 22.59 -8.09
C PRO A 275 7.70 22.14 -8.10
N THR A 276 8.59 22.97 -8.65
CA THR A 276 10.04 22.66 -8.75
C THR A 276 10.64 22.50 -7.35
N ALA A 277 10.07 23.16 -6.33
CA ALA A 277 10.59 23.10 -4.93
C ALA A 277 10.67 21.65 -4.45
N VAL A 278 9.83 20.74 -4.98
CA VAL A 278 9.85 19.33 -4.51
C VAL A 278 11.12 18.63 -5.01
N ARG A 279 11.36 18.65 -6.32
CA ARG A 279 12.61 18.11 -6.93
C ARG A 279 13.83 18.79 -6.27
N GLU A 280 13.77 20.09 -6.01
CA GLU A 280 14.89 20.85 -5.40
C GLU A 280 15.16 20.32 -3.99
N LEU A 281 14.11 20.10 -3.20
CA LEU A 281 14.27 19.57 -1.83
C LEU A 281 14.81 18.14 -1.90
N ALA A 282 14.35 17.30 -2.84
CA ALA A 282 14.87 15.92 -3.02
C ALA A 282 16.38 15.98 -3.22
N ALA A 283 16.87 16.87 -4.08
CA ALA A 283 18.31 17.05 -4.35
C ALA A 283 19.05 17.49 -3.08
N ARG A 284 18.45 18.38 -2.28
CA ARG A 284 19.04 18.89 -1.01
C ARG A 284 19.19 17.73 -0.02
N VAL A 285 18.17 16.89 0.09
CA VAL A 285 18.20 15.71 0.99
C VAL A 285 19.31 14.75 0.52
N LEU A 286 19.40 14.49 -0.78
CA LEU A 286 20.46 13.61 -1.32
C LEU A 286 21.84 14.24 -1.05
N ASP A 287 21.97 15.57 -1.14
CA ASP A 287 23.25 16.27 -0.85
C ASP A 287 23.63 16.01 0.61
N GLN A 288 22.68 16.11 1.54
CA GLN A 288 22.95 15.88 2.99
C GLN A 288 23.41 14.43 3.21
N ILE A 289 22.80 13.49 2.49
CA ILE A 289 23.13 12.05 2.62
C ILE A 289 24.52 11.80 2.04
N GLU A 290 24.78 12.26 0.82
CA GLU A 290 26.01 11.90 0.07
C GLU A 290 27.24 12.58 0.70
N GLY A 291 27.07 13.71 1.40
CA GLY A 291 28.17 14.55 1.91
C GLY A 291 28.45 14.39 3.39
N GLY A 292 27.72 13.52 4.09
CA GLY A 292 28.02 13.15 5.49
C GLY A 292 27.24 13.96 6.50
N ASP A 293 26.45 14.94 6.06
CA ASP A 293 25.66 15.82 6.96
C ASP A 293 24.67 14.94 7.73
N PHE A 294 23.95 14.06 7.04
CA PHE A 294 22.99 13.19 7.75
C PHE A 294 23.72 12.31 8.77
N SER A 295 24.85 11.71 8.38
CA SER A 295 25.60 10.80 9.28
C SER A 295 25.97 11.53 10.57
N ALA A 296 26.42 12.79 10.48
CA ALA A 296 26.76 13.59 11.68
C ALA A 296 25.51 13.86 12.51
N TYR A 297 24.37 14.12 11.84
CA TYR A 297 23.06 14.35 12.51
C TYR A 297 22.65 13.09 13.26
N LEU A 298 22.74 11.94 12.60
CA LEU A 298 22.40 10.64 13.22
C LEU A 298 23.25 10.40 14.47
N LYS A 299 24.56 10.63 14.39
CA LYS A 299 25.47 10.40 15.56
C LYS A 299 25.01 11.29 16.73
N GLU A 300 24.67 12.55 16.47
CA GLU A 300 24.14 13.48 17.51
C GLU A 300 22.84 12.91 18.11
N GLN A 301 21.92 12.49 17.23
CA GLN A 301 20.56 12.03 17.61
C GLN A 301 20.62 10.75 18.46
N ALA A 302 21.60 9.89 18.22
CA ALA A 302 21.76 8.61 18.96
C ALA A 302 22.06 8.91 20.44
N SER A 303 22.38 10.17 20.78
CA SER A 303 22.70 10.65 22.15
C SER A 303 21.53 10.38 23.10
N ASN A 304 21.85 9.91 24.31
CA ASN A 304 20.86 9.64 25.38
C ASN A 304 19.81 8.65 24.87
N ASP A 305 20.27 7.59 24.18
CA ASP A 305 19.40 6.52 23.61
C ASP A 305 18.28 7.19 22.81
N TYR A 306 18.64 8.05 21.85
CA TYR A 306 17.71 8.67 20.87
C TYR A 306 16.58 9.45 21.59
N ALA A 307 16.94 10.28 22.55
CA ALA A 307 15.98 11.08 23.35
C ALA A 307 15.16 12.00 22.45
N SER A 308 15.79 12.68 21.48
CA SER A 308 15.11 13.62 20.56
C SER A 308 14.08 12.85 19.72
N LEU A 309 14.41 11.65 19.27
CA LEU A 309 13.47 10.81 18.49
C LEU A 309 12.25 10.48 19.36
N ASP A 310 12.45 10.17 20.64
CA ASP A 310 11.32 9.90 21.56
C ASP A 310 10.36 11.09 21.54
N ASP A 311 10.89 12.32 21.65
CA ASP A 311 10.06 13.54 21.63
C ASP A 311 9.31 13.64 20.29
N ALA A 312 9.99 13.40 19.17
CA ALA A 312 9.39 13.48 17.82
C ALA A 312 8.26 12.44 17.67
N ARG A 313 8.50 11.21 18.10
CA ARG A 313 7.51 10.12 17.98
C ARG A 313 6.27 10.50 18.79
N ARG A 314 6.46 11.00 20.00
CA ARG A 314 5.33 11.32 20.89
C ARG A 314 4.57 12.51 20.31
N ALA A 315 5.27 13.52 19.83
CA ALA A 315 4.61 14.71 19.25
C ALA A 315 3.81 14.30 18.02
N ALA A 316 4.34 13.41 17.18
CA ALA A 316 3.64 13.07 15.93
C ALA A 316 2.24 12.49 16.23
N LEU A 317 2.10 11.71 17.30
CA LEU A 317 0.82 11.03 17.64
C LEU A 317 -0.25 12.07 17.98
N LYS A 318 0.16 13.28 18.34
CA LYS A 318 -0.79 14.33 18.81
C LYS A 318 -1.27 15.16 17.62
N ARG A 319 -0.69 14.99 16.43
CA ARG A 319 -1.08 15.76 15.22
C ARG A 319 -2.51 15.43 14.84
N PRO A 320 -3.28 16.39 14.29
CA PRO A 320 -4.64 16.12 13.83
C PRO A 320 -4.81 14.85 13.00
N LEU A 321 -3.89 14.55 12.08
CA LEU A 321 -3.98 13.33 11.25
C LEU A 321 -4.07 12.09 12.16
N ASN A 322 -3.26 12.03 13.21
CA ASN A 322 -3.17 10.83 14.08
C ASN A 322 -4.28 10.84 15.13
N VAL A 323 -4.79 11.99 15.52
CA VAL A 323 -6.00 12.06 16.39
C VAL A 323 -7.18 11.51 15.58
N ALA A 324 -7.31 11.94 14.33
CA ALA A 324 -8.37 11.46 13.42
C ALA A 324 -8.16 9.97 13.15
N HIS A 325 -6.91 9.52 12.97
CA HIS A 325 -6.64 8.09 12.76
C HIS A 325 -7.28 7.28 13.89
N ALA A 326 -7.06 7.66 15.13
CA ALA A 326 -7.53 6.87 16.29
C ALA A 326 -9.06 6.83 16.28
N GLN A 327 -9.71 7.94 15.91
CA GLN A 327 -11.19 8.01 15.87
C GLN A 327 -11.73 7.13 14.75
N VAL A 328 -11.12 7.20 13.57
CA VAL A 328 -11.54 6.40 12.40
C VAL A 328 -11.31 4.92 12.69
N ARG A 329 -10.16 4.56 13.24
CA ARG A 329 -9.83 3.12 13.44
C ARG A 329 -10.73 2.51 14.52
N ALA A 330 -11.20 3.32 15.48
CA ALA A 330 -12.17 2.83 16.49
C ALA A 330 -13.55 2.67 15.84
N ALA A 331 -13.85 3.42 14.78
CA ALA A 331 -15.21 3.47 14.17
C ALA A 331 -15.35 2.51 12.99
N PHE A 332 -14.25 2.16 12.32
CA PHE A 332 -14.23 1.28 11.12
C PHE A 332 -13.27 0.13 11.36
N ARG A 333 -13.73 -1.09 11.10
CA ARG A 333 -12.91 -2.31 11.26
C ARG A 333 -12.03 -2.46 10.03
N PHE A 334 -10.71 -2.50 10.22
CA PHE A 334 -9.72 -2.70 9.14
C PHE A 334 -9.36 -4.18 9.04
N PRO A 335 -9.29 -4.76 7.82
CA PRO A 335 -8.94 -6.18 7.66
C PRO A 335 -7.52 -6.44 8.18
N THR A 336 -7.42 -7.34 9.17
CA THR A 336 -6.14 -7.78 9.77
C THR A 336 -6.12 -9.32 9.85
N GLU A 337 -4.90 -9.86 9.85
CA GLU A 337 -4.56 -11.28 9.99
C GLU A 337 -3.94 -11.47 11.38
N ALA A 338 -4.33 -12.49 12.13
CA ALA A 338 -3.71 -12.83 13.44
C ALA A 338 -2.19 -12.93 13.27
N ALA A 339 -1.42 -12.34 14.19
CA ALA A 339 0.05 -12.27 14.12
C ALA A 339 0.71 -13.07 15.26
N GLY A 340 -0.02 -13.49 16.28
CA GLY A 340 0.56 -14.25 17.40
C GLY A 340 1.26 -15.51 16.90
N GLY A 341 2.49 -15.76 17.35
CA GLY A 341 3.26 -16.97 16.96
C GLY A 341 3.81 -16.94 15.54
N LEU A 342 3.74 -15.81 14.83
CA LEU A 342 4.21 -15.69 13.41
C LEU A 342 5.67 -16.16 13.28
N TYR A 343 6.49 -15.98 14.31
CA TYR A 343 7.95 -16.26 14.29
C TYR A 343 8.33 -17.54 15.05
N GLN A 344 7.35 -18.27 15.57
CA GLN A 344 7.57 -19.62 16.14
C GLN A 344 7.80 -20.59 14.97
N ALA A 345 8.39 -21.75 15.25
CA ALA A 345 8.82 -22.73 14.23
C ALA A 345 7.65 -23.06 13.30
N MET B 4 -18.79 17.61 14.20
CA MET B 4 -18.39 16.98 15.49
C MET B 4 -18.31 15.46 15.31
N ALA B 5 -17.24 14.84 15.84
CA ALA B 5 -16.96 13.39 15.72
C ALA B 5 -18.16 12.57 16.22
N SER B 6 -18.84 13.04 17.27
CA SER B 6 -19.96 12.36 17.96
C SER B 6 -21.20 12.23 17.06
N ASN B 7 -21.28 13.00 15.97
CA ASN B 7 -22.52 13.11 15.15
C ASN B 7 -22.50 12.11 13.98
N ASP B 8 -21.45 11.31 13.82
CA ASP B 8 -21.38 10.37 12.67
C ASP B 8 -22.31 9.18 12.90
N LEU B 9 -23.06 8.80 11.87
CA LEU B 9 -23.92 7.59 11.84
C LEU B 9 -23.16 6.50 11.05
N ILE B 10 -22.66 5.49 11.76
CA ILE B 10 -21.83 4.40 11.17
C ILE B 10 -22.49 3.06 11.50
N TYR B 11 -22.78 2.30 10.45
CA TYR B 11 -23.49 1.01 10.53
C TYR B 11 -22.49 -0.12 10.32
N GLN B 12 -22.47 -1.07 11.25
CA GLN B 12 -21.71 -2.34 11.11
C GLN B 12 -22.71 -3.49 11.04
N ASP B 13 -22.22 -4.73 11.05
CA ASP B 13 -23.08 -5.93 10.89
C ASP B 13 -24.20 -5.89 11.93
N GLU B 14 -23.94 -5.40 13.16
CA GLU B 14 -24.92 -5.37 14.29
C GLU B 14 -26.10 -4.43 13.96
N HIS B 15 -25.97 -3.60 12.93
CA HIS B 15 -26.95 -2.53 12.61
C HIS B 15 -27.67 -2.80 11.29
N ALA B 16 -27.52 -3.99 10.72
CA ALA B 16 -28.10 -4.34 9.41
C ALA B 16 -28.39 -5.84 9.37
N SER B 17 -29.24 -6.24 8.45
CA SER B 17 -29.57 -7.68 8.28
C SER B 17 -29.96 -7.94 6.82
N LEU B 18 -30.01 -9.20 6.43
CA LEU B 18 -30.43 -9.59 5.06
C LEU B 18 -31.95 -9.78 5.00
N GLN B 19 -32.67 -9.65 6.11
CA GLN B 19 -34.14 -9.87 6.12
C GLN B 19 -34.83 -8.99 5.07
N PRO B 20 -34.48 -7.70 4.89
CA PRO B 20 -35.15 -6.89 3.86
C PRO B 20 -35.05 -7.41 2.42
N LEU B 21 -34.11 -8.32 2.15
CA LEU B 21 -33.89 -8.84 0.78
C LEU B 21 -34.62 -10.17 0.58
N GLU B 22 -35.29 -10.69 1.61
CA GLU B 22 -36.02 -11.98 1.51
C GLU B 22 -37.07 -11.86 0.39
N GLY B 23 -37.02 -12.78 -0.58
CA GLY B 23 -37.97 -12.86 -1.69
C GLY B 23 -37.73 -11.80 -2.76
N ARG B 24 -36.68 -10.96 -2.62
CA ARG B 24 -36.45 -9.83 -3.55
C ARG B 24 -35.28 -10.12 -4.49
N THR B 25 -35.39 -9.60 -5.71
CA THR B 25 -34.35 -9.71 -6.76
C THR B 25 -33.60 -8.39 -6.89
N VAL B 26 -32.27 -8.47 -6.90
CA VAL B 26 -31.39 -7.30 -7.17
C VAL B 26 -30.92 -7.38 -8.62
N ALA B 27 -31.13 -6.31 -9.37
CA ALA B 27 -30.53 -6.15 -10.72
C ALA B 27 -29.25 -5.35 -10.57
N VAL B 28 -28.13 -5.99 -10.88
CA VAL B 28 -26.82 -5.31 -11.00
C VAL B 28 -26.70 -4.83 -12.44
N ILE B 29 -26.71 -3.52 -12.65
CA ILE B 29 -26.58 -2.91 -13.99
C ILE B 29 -25.10 -2.57 -14.18
N GLY B 30 -24.45 -3.30 -15.08
CA GLY B 30 -22.99 -3.26 -15.24
C GLY B 30 -22.35 -4.45 -14.56
N TYR B 31 -21.18 -4.82 -15.05
CA TYR B 31 -20.44 -6.01 -14.57
C TYR B 31 -18.96 -5.67 -14.63
N GLY B 32 -18.64 -4.40 -14.39
CA GLY B 32 -17.26 -3.91 -14.38
C GLY B 32 -16.62 -4.04 -13.01
N ILE B 33 -15.76 -3.09 -12.69
CA ILE B 33 -14.92 -3.16 -11.46
C ILE B 33 -15.85 -3.35 -10.26
N GLN B 34 -16.88 -2.51 -10.14
CA GLN B 34 -17.84 -2.61 -9.01
C GLN B 34 -18.91 -3.67 -9.30
N GLY B 35 -19.53 -3.65 -10.49
CA GLY B 35 -20.62 -4.57 -10.84
C GLY B 35 -20.26 -6.02 -10.57
N ARG B 36 -19.09 -6.46 -10.98
CA ARG B 36 -18.71 -7.89 -10.85
C ARG B 36 -18.59 -8.26 -9.37
N ALA B 37 -18.03 -7.38 -8.55
CA ALA B 37 -17.87 -7.64 -7.10
C ALA B 37 -19.24 -7.67 -6.41
N PHE B 38 -20.11 -6.70 -6.72
CA PHE B 38 -21.47 -6.68 -6.13
C PHE B 38 -22.21 -7.96 -6.49
N ALA B 39 -22.18 -8.36 -7.76
CA ALA B 39 -22.95 -9.53 -8.23
C ALA B 39 -22.43 -10.79 -7.52
N ALA B 40 -21.11 -10.96 -7.45
CA ALA B 40 -20.48 -12.16 -6.88
C ALA B 40 -20.83 -12.26 -5.39
N ASN B 41 -20.71 -11.14 -4.67
CA ASN B 41 -20.92 -11.13 -3.20
C ASN B 41 -22.42 -11.29 -2.90
N LEU B 42 -23.29 -10.61 -3.63
CA LEU B 42 -24.76 -10.81 -3.45
C LEU B 42 -25.12 -12.28 -3.61
N ARG B 43 -24.64 -12.92 -4.67
CA ARG B 43 -24.96 -14.34 -4.92
C ARG B 43 -24.48 -15.19 -3.75
N ASP B 44 -23.25 -15.00 -3.30
CA ASP B 44 -22.66 -15.83 -2.22
C ASP B 44 -23.37 -15.57 -0.89
N SER B 45 -23.98 -14.39 -0.73
CA SER B 45 -24.77 -14.01 0.48
C SER B 45 -26.20 -14.57 0.39
N GLY B 46 -26.57 -15.28 -0.67
CA GLY B 46 -27.91 -15.91 -0.76
C GLY B 46 -28.98 -14.93 -1.21
N VAL B 47 -28.60 -13.89 -1.96
CA VAL B 47 -29.54 -12.87 -2.51
C VAL B 47 -29.77 -13.18 -3.99
N ALA B 48 -31.03 -13.23 -4.44
CA ALA B 48 -31.35 -13.41 -5.86
C ALA B 48 -30.77 -12.23 -6.64
N VAL B 49 -29.97 -12.50 -7.66
CA VAL B 49 -29.30 -11.41 -8.41
C VAL B 49 -29.42 -11.73 -9.90
N ARG B 50 -29.57 -10.69 -10.71
CA ARG B 50 -29.44 -10.79 -12.17
C ARG B 50 -28.63 -9.60 -12.65
N VAL B 51 -28.08 -9.74 -13.84
CA VAL B 51 -27.17 -8.73 -14.42
C VAL B 51 -27.85 -8.13 -15.65
N GLY B 52 -27.92 -6.80 -15.70
CA GLY B 52 -28.32 -6.04 -16.89
C GLY B 52 -27.08 -5.41 -17.51
N ASN B 53 -26.83 -5.60 -18.80
CA ASN B 53 -25.59 -5.12 -19.44
C ASN B 53 -25.82 -4.92 -20.93
N ILE B 54 -25.13 -3.96 -21.53
CA ILE B 54 -25.13 -3.74 -23.01
C ILE B 54 -24.36 -4.89 -23.68
N ASP B 55 -24.35 -4.87 -25.01
CA ASP B 55 -23.65 -5.91 -25.82
C ASP B 55 -22.16 -5.59 -25.85
N ASP B 56 -21.40 -6.15 -24.91
CA ASP B 56 -19.93 -5.99 -24.86
C ASP B 56 -19.30 -7.17 -24.11
N ARG B 57 -18.00 -7.14 -23.88
CA ARG B 57 -17.29 -8.29 -23.26
C ARG B 57 -17.84 -8.56 -21.86
N TYR B 58 -18.34 -7.55 -21.16
CA TYR B 58 -18.78 -7.71 -19.75
C TYR B 58 -20.06 -8.56 -19.70
N PHE B 59 -20.93 -8.43 -20.71
CA PHE B 59 -22.13 -9.29 -20.85
C PHE B 59 -21.69 -10.76 -20.89
N GLU B 60 -20.74 -11.07 -21.75
CA GLU B 60 -20.25 -12.46 -21.94
C GLU B 60 -19.54 -12.94 -20.67
N LEU B 61 -18.78 -12.07 -19.99
CA LEU B 61 -18.09 -12.44 -18.72
C LEU B 61 -19.14 -12.84 -17.69
N ALA B 62 -20.21 -12.06 -17.54
CA ALA B 62 -21.27 -12.36 -16.56
C ALA B 62 -21.90 -13.72 -16.90
N ARG B 63 -22.09 -14.02 -18.19
CA ARG B 63 -22.59 -15.35 -18.61
C ARG B 63 -21.58 -16.43 -18.19
N ALA B 64 -20.30 -16.22 -18.46
CA ALA B 64 -19.22 -17.21 -18.14
C ALA B 64 -19.15 -17.45 -16.64
N GLU B 65 -19.54 -16.46 -15.84
CA GLU B 65 -19.47 -16.55 -14.36
C GLU B 65 -20.84 -16.93 -13.78
N GLY B 66 -21.75 -17.42 -14.62
CA GLY B 66 -22.93 -18.20 -14.19
C GLY B 66 -24.14 -17.34 -13.88
N HIS B 67 -24.11 -16.05 -14.22
CA HIS B 67 -25.22 -15.12 -13.92
C HIS B 67 -26.35 -15.25 -14.95
N ARG B 68 -27.54 -14.80 -14.55
CA ARG B 68 -28.69 -14.52 -15.45
C ARG B 68 -28.47 -13.12 -16.04
N VAL B 69 -28.16 -13.04 -17.32
CA VAL B 69 -27.71 -11.79 -17.98
C VAL B 69 -28.71 -11.44 -19.10
N THR B 70 -29.18 -10.20 -19.08
CA THR B 70 -30.07 -9.63 -20.12
C THR B 70 -29.65 -8.19 -20.40
N ASN B 71 -30.26 -7.56 -21.39
CA ASN B 71 -30.17 -6.10 -21.59
C ASN B 71 -30.65 -5.43 -20.30
N ILE B 72 -30.37 -4.13 -20.19
CA ILE B 72 -30.59 -3.33 -18.95
C ILE B 72 -32.09 -3.21 -18.67
N ALA B 73 -32.91 -2.88 -19.66
CA ALA B 73 -34.37 -2.67 -19.46
C ALA B 73 -35.01 -3.93 -18.86
N GLU B 74 -34.67 -5.11 -19.37
CA GLU B 74 -35.27 -6.41 -18.93
C GLU B 74 -34.81 -6.70 -17.49
N ALA B 75 -33.55 -6.43 -17.17
CA ALA B 75 -33.04 -6.66 -15.80
C ALA B 75 -33.83 -5.78 -14.83
N VAL B 76 -34.02 -4.50 -15.19
CA VAL B 76 -34.72 -3.52 -14.31
C VAL B 76 -36.17 -3.98 -14.14
N ALA B 77 -36.82 -4.42 -15.21
CA ALA B 77 -38.26 -4.78 -15.18
C ALA B 77 -38.50 -5.95 -14.21
N HIS B 78 -37.48 -6.77 -13.93
CA HIS B 78 -37.60 -8.00 -13.09
C HIS B 78 -37.04 -7.76 -11.68
N ALA B 79 -36.75 -6.51 -11.31
CA ALA B 79 -35.96 -6.21 -10.10
C ALA B 79 -36.76 -5.42 -9.06
N ASP B 80 -36.51 -5.72 -7.78
CA ASP B 80 -37.01 -4.94 -6.62
C ASP B 80 -35.98 -3.88 -6.24
N ILE B 81 -34.70 -4.16 -6.49
CA ILE B 81 -33.58 -3.23 -6.19
C ILE B 81 -32.68 -3.19 -7.43
N VAL B 82 -32.27 -2.00 -7.84
CA VAL B 82 -31.46 -1.77 -9.05
C VAL B 82 -30.19 -1.04 -8.62
N LEU B 83 -29.03 -1.61 -8.94
CA LEU B 83 -27.72 -0.98 -8.64
C LEU B 83 -27.11 -0.53 -9.96
N LEU B 84 -26.97 0.78 -10.15
CA LEU B 84 -26.47 1.36 -11.42
C LEU B 84 -24.95 1.45 -11.35
N LEU B 85 -24.26 0.40 -11.79
CA LEU B 85 -22.79 0.27 -11.68
C LEU B 85 -22.16 0.31 -13.07
N ILE B 86 -22.40 1.42 -13.79
CA ILE B 86 -21.77 1.76 -15.10
C ILE B 86 -21.10 3.13 -14.94
N PRO B 87 -20.22 3.53 -15.88
CA PRO B 87 -19.58 4.84 -15.81
C PRO B 87 -20.59 5.99 -15.68
N ASP B 88 -20.22 6.95 -14.85
CA ASP B 88 -21.12 8.05 -14.40
C ASP B 88 -21.65 8.85 -15.60
N GLU B 89 -20.82 9.09 -16.62
CA GLU B 89 -21.26 9.90 -17.79
C GLU B 89 -22.34 9.16 -18.58
N ALA B 90 -22.49 7.83 -18.42
CA ALA B 90 -23.50 7.03 -19.14
C ALA B 90 -24.83 6.97 -18.38
N HIS B 91 -24.87 7.47 -17.15
CA HIS B 91 -26.06 7.33 -16.27
C HIS B 91 -27.29 8.00 -16.89
N GLY B 92 -27.15 9.24 -17.40
CA GLY B 92 -28.29 10.05 -17.86
C GLY B 92 -29.11 9.32 -18.92
N ALA B 93 -28.47 8.84 -19.98
CA ALA B 93 -29.15 8.21 -21.13
C ALA B 93 -29.73 6.85 -20.69
N VAL B 94 -28.98 6.05 -19.93
CA VAL B 94 -29.46 4.73 -19.42
C VAL B 94 -30.63 4.94 -18.45
N PHE B 95 -30.57 5.95 -17.60
CA PHE B 95 -31.65 6.27 -16.64
C PHE B 95 -32.94 6.60 -17.42
N ASP B 96 -32.85 7.52 -18.37
CA ASP B 96 -34.04 8.03 -19.10
C ASP B 96 -34.65 6.93 -19.98
N VAL B 97 -33.82 6.14 -20.67
CA VAL B 97 -34.32 5.19 -21.70
C VAL B 97 -34.61 3.82 -21.08
N ASP B 98 -33.69 3.30 -20.26
CA ASP B 98 -33.70 1.88 -19.82
C ASP B 98 -34.25 1.72 -18.40
N ILE B 99 -33.97 2.66 -17.48
CA ILE B 99 -34.28 2.41 -16.04
C ILE B 99 -35.64 3.03 -15.69
N ALA B 100 -35.81 4.34 -15.86
CA ALA B 100 -37.01 5.06 -15.37
C ALA B 100 -38.29 4.43 -15.92
N PRO B 101 -38.40 4.04 -17.22
CA PRO B 101 -39.65 3.45 -17.71
C PRO B 101 -39.99 2.06 -17.15
N ASN B 102 -39.00 1.38 -16.55
CA ASN B 102 -39.13 -0.04 -16.13
C ASN B 102 -39.00 -0.21 -14.61
N LEU B 103 -38.65 0.85 -13.89
CA LEU B 103 -38.44 0.73 -12.42
C LEU B 103 -39.81 0.50 -11.78
N ARG B 104 -39.94 -0.61 -11.06
CA ARG B 104 -41.21 -1.03 -10.43
C ARG B 104 -41.63 0.00 -9.38
N ASP B 105 -42.94 0.12 -9.19
CA ASP B 105 -43.56 0.85 -8.06
C ASP B 105 -42.91 0.34 -6.76
N GLY B 106 -42.36 1.22 -5.93
CA GLY B 106 -41.75 0.83 -4.64
C GLY B 106 -40.34 0.28 -4.78
N ALA B 107 -39.76 0.25 -6.00
CA ALA B 107 -38.39 -0.25 -6.20
C ALA B 107 -37.37 0.77 -5.72
N LEU B 108 -36.17 0.29 -5.40
CA LEU B 108 -35.01 1.09 -4.93
C LEU B 108 -33.97 1.13 -6.03
N LEU B 109 -33.56 2.33 -6.43
CA LEU B 109 -32.43 2.55 -7.34
C LEU B 109 -31.25 3.07 -6.50
N CYS B 110 -30.09 2.45 -6.63
CA CYS B 110 -28.85 2.91 -5.96
C CYS B 110 -27.78 3.26 -6.99
N VAL B 111 -27.05 4.34 -6.72
CA VAL B 111 -25.79 4.68 -7.41
C VAL B 111 -24.63 4.50 -6.43
N ALA B 112 -23.42 4.34 -6.95
CA ALA B 112 -22.21 4.09 -6.13
C ALA B 112 -21.29 5.33 -6.10
N HIS B 113 -21.80 6.47 -6.57
CA HIS B 113 -21.08 7.77 -6.64
C HIS B 113 -22.14 8.85 -6.82
N GLY B 114 -21.95 10.00 -6.18
CA GLY B 114 -22.98 11.06 -6.19
C GLY B 114 -23.01 11.89 -7.46
N HIS B 115 -22.06 11.73 -8.38
CA HIS B 115 -21.89 12.70 -9.50
C HIS B 115 -23.18 12.83 -10.34
N SER B 116 -23.79 11.72 -10.75
CA SER B 116 -25.01 11.78 -11.60
C SER B 116 -26.18 12.43 -10.84
N LEU B 117 -26.23 12.31 -9.51
CA LEU B 117 -27.23 12.99 -8.66
C LEU B 117 -26.95 14.49 -8.63
N VAL B 118 -25.68 14.88 -8.45
CA VAL B 118 -25.28 16.32 -8.43
C VAL B 118 -25.68 16.95 -9.76
N GLN B 119 -25.43 16.26 -10.88
CA GLN B 119 -25.65 16.86 -12.23
C GLN B 119 -27.11 16.74 -12.67
N GLY B 120 -27.95 16.02 -11.93
CA GLY B 120 -29.38 15.85 -12.24
C GLY B 120 -29.61 14.86 -13.37
N ASP B 121 -28.64 13.97 -13.62
CA ASP B 121 -28.73 12.93 -14.68
C ASP B 121 -29.49 11.72 -14.15
N VAL B 122 -29.47 11.52 -12.84
CA VAL B 122 -30.33 10.54 -12.12
C VAL B 122 -31.16 11.35 -11.13
N ARG B 123 -32.47 11.12 -11.09
CA ARG B 123 -33.41 11.96 -10.33
C ARG B 123 -34.37 11.06 -9.56
N PRO B 124 -34.90 11.53 -8.41
CA PRO B 124 -35.99 10.85 -7.73
C PRO B 124 -37.20 10.70 -8.65
N LEU B 125 -37.87 9.55 -8.55
CA LEU B 125 -39.09 9.21 -9.32
C LEU B 125 -40.25 9.02 -8.34
N PRO B 126 -41.42 9.67 -8.55
CA PRO B 126 -42.63 9.44 -7.76
C PRO B 126 -42.79 7.92 -7.52
N GLY B 127 -43.00 7.51 -6.27
CA GLY B 127 -43.38 6.13 -5.93
C GLY B 127 -42.19 5.20 -5.77
N ARG B 128 -40.96 5.71 -5.91
CA ARG B 128 -39.75 4.86 -5.84
C ARG B 128 -38.74 5.44 -4.86
N ASP B 129 -37.76 4.62 -4.49
CA ASP B 129 -36.69 5.00 -3.55
C ASP B 129 -35.41 5.25 -4.35
N LEU B 130 -34.57 6.16 -3.85
CA LEU B 130 -33.29 6.52 -4.50
C LEU B 130 -32.22 6.69 -3.44
N ALA B 131 -31.07 6.06 -3.64
CA ALA B 131 -30.00 6.10 -2.62
C ALA B 131 -28.62 6.03 -3.28
N MET B 132 -27.62 6.41 -2.51
CA MET B 132 -26.20 6.19 -2.82
C MET B 132 -25.64 5.17 -1.84
N LEU B 133 -24.89 4.19 -2.36
CA LEU B 133 -24.04 3.30 -1.55
C LEU B 133 -22.69 3.27 -2.27
N ALA B 134 -21.72 4.01 -1.73
CA ALA B 134 -20.47 4.35 -2.43
C ALA B 134 -19.29 3.67 -1.74
N PRO B 135 -18.77 2.54 -2.27
CA PRO B 135 -17.64 1.86 -1.66
C PRO B 135 -16.36 2.72 -1.69
N ARG B 136 -15.48 2.55 -0.71
CA ARG B 136 -14.20 3.30 -0.63
C ARG B 136 -13.05 2.39 -1.04
N MET B 137 -13.29 1.51 -2.00
CA MET B 137 -12.29 0.50 -2.44
C MET B 137 -12.72 -0.02 -3.80
N TYR B 138 -11.77 -0.53 -4.59
CA TYR B 138 -12.07 -1.11 -5.91
C TYR B 138 -12.45 -2.59 -5.74
N GLY B 139 -12.79 -3.26 -6.84
CA GLY B 139 -13.55 -4.52 -6.82
C GLY B 139 -12.76 -5.70 -6.29
N ASP B 140 -11.54 -5.91 -6.79
CA ASP B 140 -10.76 -7.11 -6.42
C ASP B 140 -10.61 -7.16 -4.91
N PRO B 141 -10.18 -6.09 -4.19
CA PRO B 141 -10.13 -6.17 -2.73
C PRO B 141 -11.51 -6.36 -2.09
N ILE B 142 -12.56 -5.73 -2.59
CA ILE B 142 -13.92 -5.97 -2.04
C ILE B 142 -14.21 -7.47 -2.08
N ARG B 143 -13.85 -8.14 -3.18
CA ARG B 143 -14.13 -9.58 -3.36
C ARG B 143 -13.22 -10.41 -2.46
N ARG B 144 -11.92 -10.14 -2.44
CA ARG B 144 -10.96 -10.89 -1.58
C ARG B 144 -11.35 -10.73 -0.11
N TYR B 145 -11.62 -9.50 0.32
CA TYR B 145 -12.05 -9.23 1.71
C TYR B 145 -13.33 -10.05 1.99
N TYR B 146 -14.29 -10.02 1.08
CA TYR B 146 -15.58 -10.73 1.29
C TYR B 146 -15.31 -12.21 1.60
N LEU B 147 -14.48 -12.85 0.79
CA LEU B 147 -14.21 -14.30 0.91
C LEU B 147 -13.46 -14.62 2.22
N ALA B 148 -12.75 -13.63 2.78
CA ALA B 148 -12.00 -13.77 4.05
C ALA B 148 -12.82 -13.32 5.26
N GLY B 149 -14.11 -13.02 5.09
CA GLY B 149 -15.00 -12.58 6.19
C GLY B 149 -14.78 -11.11 6.57
N GLN B 150 -14.18 -10.33 5.67
CA GLN B 150 -13.84 -8.90 5.89
C GLN B 150 -14.58 -8.03 4.86
N GLY B 151 -14.39 -6.73 4.97
CA GLY B 151 -15.01 -5.78 4.04
C GLY B 151 -14.27 -4.46 4.00
N ALA B 152 -14.67 -3.61 3.08
CA ALA B 152 -14.17 -2.24 2.90
C ALA B 152 -15.23 -1.27 3.37
N PRO B 153 -14.86 -0.03 3.78
CA PRO B 153 -15.85 0.97 4.15
C PRO B 153 -16.69 1.41 2.94
N ALA B 154 -17.84 2.01 3.22
CA ALA B 154 -18.68 2.69 2.21
C ALA B 154 -19.38 3.87 2.86
N TYR B 155 -19.78 4.84 2.05
CA TYR B 155 -20.67 5.95 2.47
C TYR B 155 -22.05 5.70 1.88
N PHE B 156 -23.08 6.14 2.57
CA PHE B 156 -24.46 6.00 2.05
C PHE B 156 -25.27 7.27 2.29
N ASP B 157 -26.27 7.45 1.43
CA ASP B 157 -27.22 8.58 1.54
C ASP B 157 -28.57 8.11 1.02
N ILE B 158 -29.62 8.39 1.78
CA ILE B 158 -31.02 8.12 1.34
C ILE B 158 -31.54 9.42 0.73
N VAL B 159 -31.71 9.42 -0.59
CA VAL B 159 -32.06 10.64 -1.38
C VAL B 159 -33.58 10.78 -1.45
N ALA B 160 -34.29 9.70 -1.76
CA ALA B 160 -35.76 9.67 -1.80
C ALA B 160 -36.23 8.35 -1.21
N ASP B 161 -37.23 8.42 -0.35
CA ASP B 161 -37.71 7.23 0.39
C ASP B 161 -39.22 7.22 0.37
N HIS B 162 -39.81 6.87 -0.76
CA HIS B 162 -41.28 6.70 -0.87
C HIS B 162 -41.77 5.59 0.08
N THR B 163 -41.09 4.44 0.14
CA THR B 163 -41.59 3.23 0.85
C THR B 163 -41.44 3.40 2.37
N GLY B 164 -40.51 4.24 2.80
CA GLY B 164 -40.06 4.33 4.21
C GLY B 164 -39.11 3.20 4.59
N ARG B 165 -38.74 2.33 3.65
CA ARG B 165 -37.91 1.12 3.91
C ARG B 165 -36.54 1.26 3.23
N ALA B 166 -36.24 2.41 2.62
CA ALA B 166 -35.02 2.56 1.79
C ALA B 166 -33.76 2.34 2.63
N ARG B 167 -33.71 2.88 3.84
CA ARG B 167 -32.48 2.78 4.69
C ARG B 167 -32.13 1.32 4.93
N ASP B 168 -33.08 0.51 5.40
CA ASP B 168 -32.78 -0.88 5.76
C ASP B 168 -32.50 -1.70 4.51
N ARG B 169 -33.11 -1.36 3.38
CA ARG B 169 -32.84 -2.08 2.10
C ARG B 169 -31.43 -1.75 1.60
N VAL B 170 -31.02 -0.49 1.64
CA VAL B 170 -29.64 -0.09 1.24
C VAL B 170 -28.63 -0.78 2.17
N LEU B 171 -28.90 -0.78 3.48
CA LEU B 171 -27.92 -1.35 4.42
C LEU B 171 -27.92 -2.87 4.31
N ALA B 172 -29.01 -3.48 3.85
CA ALA B 172 -29.06 -4.95 3.63
C ALA B 172 -28.18 -5.28 2.44
N ILE B 173 -28.23 -4.49 1.37
CA ILE B 173 -27.30 -4.63 0.23
C ILE B 173 -25.87 -4.48 0.79
N ALA B 174 -25.62 -3.45 1.60
CA ALA B 174 -24.26 -3.20 2.13
C ALA B 174 -23.77 -4.42 2.92
N ARG B 175 -24.66 -5.04 3.70
CA ARG B 175 -24.29 -6.21 4.55
C ARG B 175 -24.02 -7.39 3.62
N ALA B 176 -24.86 -7.59 2.60
CA ALA B 176 -24.70 -8.72 1.66
C ALA B 176 -23.37 -8.63 0.89
N VAL B 177 -22.89 -7.40 0.61
CA VAL B 177 -21.68 -7.19 -0.22
C VAL B 177 -20.45 -7.07 0.69
N GLY B 178 -20.64 -6.82 1.99
CA GLY B 178 -19.55 -6.91 3.00
C GLY B 178 -19.16 -5.58 3.64
N PHE B 179 -19.71 -4.44 3.20
CA PHE B 179 -19.24 -3.11 3.65
C PHE B 179 -19.51 -2.92 5.14
N THR B 180 -20.58 -3.48 5.69
CA THR B 180 -20.90 -3.35 7.12
C THR B 180 -19.85 -4.07 7.99
N ARG B 181 -19.03 -4.96 7.42
CA ARG B 181 -17.94 -5.61 8.19
C ARG B 181 -16.88 -4.57 8.57
N ALA B 182 -16.72 -3.52 7.78
CA ALA B 182 -15.82 -2.39 8.07
C ALA B 182 -16.64 -1.28 8.72
N GLY B 183 -17.64 -0.79 8.00
CA GLY B 183 -18.50 0.29 8.48
C GLY B 183 -19.07 1.08 7.33
N VAL B 184 -20.35 1.41 7.41
CA VAL B 184 -21.05 2.19 6.36
C VAL B 184 -21.53 3.49 7.00
N MET B 185 -20.96 4.61 6.57
CA MET B 185 -21.19 5.92 7.21
C MET B 185 -22.14 6.77 6.37
N ALA B 186 -23.08 7.43 7.02
CA ALA B 186 -23.95 8.42 6.36
C ALA B 186 -23.09 9.59 5.86
N LEU B 187 -23.17 9.89 4.57
CA LEU B 187 -22.50 11.07 3.98
C LEU B 187 -23.31 11.52 2.78
N GLY B 188 -23.62 12.81 2.70
CA GLY B 188 -24.41 13.39 1.59
C GLY B 188 -23.78 13.06 0.25
N TYR B 189 -24.61 12.82 -0.75
CA TYR B 189 -24.12 12.45 -2.11
C TYR B 189 -23.28 13.58 -2.71
N ARG B 190 -23.59 14.84 -2.42
CA ARG B 190 -22.82 15.98 -2.99
C ARG B 190 -21.42 15.97 -2.36
N GLN B 191 -21.34 15.80 -1.04
CA GLN B 191 -20.03 15.73 -0.35
C GLN B 191 -19.26 14.50 -0.86
N GLU B 192 -19.91 13.35 -1.01
CA GLU B 192 -19.21 12.15 -1.51
C GLU B 192 -18.60 12.47 -2.87
N THR B 193 -19.35 13.14 -3.73
CA THR B 193 -18.91 13.39 -5.12
C THR B 193 -17.60 14.16 -5.07
N PHE B 194 -17.57 15.27 -4.33
CA PHE B 194 -16.42 16.20 -4.35
C PHE B 194 -15.22 15.55 -3.67
N LEU B 195 -15.46 14.84 -2.56
CA LEU B 195 -14.41 14.13 -1.79
C LEU B 195 -13.76 13.06 -2.68
N ASP B 196 -14.57 12.22 -3.32
CA ASP B 196 -14.10 11.13 -4.21
C ASP B 196 -13.25 11.72 -5.35
N LEU B 197 -13.77 12.74 -6.02
CA LEU B 197 -13.08 13.35 -7.19
C LEU B 197 -11.77 13.98 -6.72
N PHE B 198 -11.73 14.55 -5.51
CA PHE B 198 -10.48 15.17 -4.97
C PHE B 198 -9.40 14.10 -4.77
N GLN B 199 -9.77 12.95 -4.23
CA GLN B 199 -8.80 11.83 -4.06
C GLN B 199 -8.23 11.45 -5.43
N GLU B 200 -9.07 11.44 -6.45
CA GLU B 200 -8.71 10.95 -7.81
C GLU B 200 -7.85 11.98 -8.55
N GLN B 201 -8.07 13.27 -8.30
CA GLN B 201 -7.53 14.38 -9.14
C GLN B 201 -6.36 15.07 -8.45
N PHE B 202 -6.37 15.17 -7.13
CA PHE B 202 -5.21 15.74 -6.40
C PHE B 202 -4.36 14.61 -5.83
N LEU B 203 -4.91 13.77 -4.96
CA LEU B 203 -4.04 12.91 -4.12
C LEU B 203 -3.38 11.79 -4.94
N ALA B 204 -4.14 11.02 -5.71
CA ALA B 204 -3.56 9.88 -6.46
C ALA B 204 -2.50 10.38 -7.43
N PRO B 205 -2.75 11.40 -8.28
CA PRO B 205 -1.70 11.90 -9.16
C PRO B 205 -0.50 12.49 -8.42
N ALA B 206 -0.71 13.16 -7.30
CA ALA B 206 0.39 13.75 -6.51
C ALA B 206 1.27 12.63 -5.93
N LEU B 207 0.66 11.56 -5.43
CA LEU B 207 1.45 10.41 -4.88
C LEU B 207 2.31 9.82 -6.00
N VAL B 208 1.72 9.56 -7.16
CA VAL B 208 2.49 8.94 -8.26
C VAL B 208 3.54 9.94 -8.76
N ASP B 209 3.18 11.22 -8.86
CA ASP B 209 4.15 12.27 -9.29
C ASP B 209 5.32 12.31 -8.30
N LEU B 210 5.07 12.12 -7.00
CA LEU B 210 6.13 12.17 -5.98
C LEU B 210 7.05 10.95 -6.13
N VAL B 211 6.47 9.77 -6.26
CA VAL B 211 7.23 8.51 -6.50
C VAL B 211 8.11 8.70 -7.75
N GLU B 212 7.53 9.29 -8.79
CA GLU B 212 8.25 9.49 -10.08
C GLU B 212 9.36 10.51 -9.89
N THR B 213 9.12 11.56 -9.10
CA THR B 213 10.16 12.57 -8.78
C THR B 213 11.35 11.88 -8.09
N GLY B 214 11.09 11.04 -7.09
CA GLY B 214 12.16 10.27 -6.42
C GLY B 214 12.96 9.48 -7.45
N PHE B 215 12.27 8.76 -8.32
CA PHE B 215 12.92 7.94 -9.38
C PHE B 215 13.79 8.82 -10.26
N GLN B 216 13.24 9.92 -10.78
CA GLN B 216 13.92 10.84 -11.71
C GLN B 216 15.21 11.38 -11.07
N VAL B 217 15.11 11.86 -9.83
CA VAL B 217 16.26 12.46 -9.13
C VAL B 217 17.36 11.39 -8.95
N LEU B 218 16.98 10.18 -8.53
CA LEU B 218 17.99 9.11 -8.33
C LEU B 218 18.65 8.78 -9.67
N VAL B 219 17.88 8.61 -10.73
CA VAL B 219 18.46 8.25 -12.05
C VAL B 219 19.42 9.35 -12.50
N GLU B 220 19.02 10.62 -12.38
CA GLU B 220 19.88 11.78 -12.76
C GLU B 220 21.19 11.72 -11.97
N ARG B 221 21.11 11.37 -10.68
CA ARG B 221 22.24 11.41 -9.73
C ARG B 221 23.08 10.12 -9.83
N GLY B 222 22.83 9.26 -10.83
CA GLY B 222 23.71 8.14 -11.21
C GLY B 222 23.40 6.83 -10.50
N PHE B 223 22.24 6.75 -9.83
CA PHE B 223 21.81 5.50 -9.17
C PHE B 223 21.31 4.47 -10.20
N ASN B 224 21.51 3.21 -9.85
CA ASN B 224 21.03 2.05 -10.63
C ASN B 224 19.53 2.21 -10.86
N PRO B 225 19.03 2.34 -12.11
CA PRO B 225 17.60 2.58 -12.32
C PRO B 225 16.67 1.48 -11.78
N LYS B 226 17.09 0.22 -11.82
CA LYS B 226 16.27 -0.88 -11.25
C LYS B 226 16.14 -0.65 -9.74
N ALA B 227 17.26 -0.37 -9.07
CA ALA B 227 17.25 -0.14 -7.61
C ALA B 227 16.40 1.09 -7.31
N ALA B 228 16.53 2.16 -8.08
CA ALA B 228 15.76 3.40 -7.86
C ALA B 228 14.26 3.07 -7.93
N LEU B 229 13.84 2.31 -8.95
CA LEU B 229 12.42 1.93 -9.17
C LEU B 229 11.95 1.09 -7.99
N LEU B 230 12.74 0.10 -7.58
CA LEU B 230 12.37 -0.77 -6.43
C LEU B 230 12.16 0.11 -5.20
N GLU B 231 13.06 1.07 -4.93
CA GLU B 231 12.94 1.80 -3.64
C GLU B 231 11.72 2.71 -3.68
N VAL B 232 11.42 3.34 -4.80
CA VAL B 232 10.35 4.38 -4.77
C VAL B 232 8.96 3.70 -4.74
N TYR B 233 8.82 2.46 -5.20
CA TYR B 233 7.58 1.67 -5.03
C TYR B 233 7.74 0.20 -5.43
N GLY B 234 8.66 -0.14 -6.33
CA GLY B 234 8.66 -1.46 -6.98
C GLY B 234 8.92 -2.63 -6.04
N SER B 235 9.56 -2.40 -4.91
CA SER B 235 9.84 -3.44 -3.90
C SER B 235 8.56 -3.81 -3.15
N GLY B 236 7.55 -2.95 -3.20
CA GLY B 236 6.34 -3.05 -2.38
C GLY B 236 6.48 -2.38 -1.01
N GLN B 237 7.67 -1.89 -0.66
CA GLN B 237 7.88 -1.36 0.71
C GLN B 237 6.98 -0.13 0.91
N MET B 238 6.95 0.80 -0.04
CA MET B 238 6.15 2.04 0.15
C MET B 238 4.65 1.70 0.20
N GLY B 239 4.17 0.78 -0.64
CA GLY B 239 2.76 0.33 -0.59
C GLY B 239 2.44 -0.36 0.73
N LYS B 240 3.31 -1.23 1.20
CA LYS B 240 3.12 -1.95 2.48
C LYS B 240 3.04 -0.93 3.61
N MET B 241 3.92 0.07 3.61
CA MET B 241 3.91 1.11 4.67
C MET B 241 2.55 1.83 4.64
N MET B 242 2.03 2.17 3.47
CA MET B 242 0.77 2.94 3.38
C MET B 242 -0.43 2.05 3.73
N LEU B 243 -0.37 0.77 3.41
CA LEU B 243 -1.48 -0.15 3.72
C LEU B 243 -1.45 -0.52 5.21
N ASP B 244 -0.28 -0.83 5.75
CA ASP B 244 -0.14 -1.03 7.22
C ASP B 244 -0.53 0.28 7.93
N GLY B 245 -0.17 1.43 7.36
CA GLY B 245 -0.54 2.73 7.94
C GLY B 245 -2.06 2.88 8.10
N ALA B 246 -2.84 2.35 7.16
CA ALA B 246 -4.31 2.39 7.27
C ALA B 246 -4.75 1.72 8.57
N ASP B 247 -4.08 0.64 8.95
CA ASP B 247 -4.39 -0.10 10.21
C ASP B 247 -3.97 0.77 11.40
N ILE B 248 -2.68 1.07 11.52
CA ILE B 248 -2.09 1.53 12.84
C ILE B 248 -1.67 3.00 12.82
N GLY B 249 -1.70 3.68 11.68
CA GLY B 249 -1.23 5.05 11.56
C GLY B 249 0.10 5.12 10.82
N LEU B 250 0.29 6.15 10.03
CA LEU B 250 1.50 6.22 9.16
C LEU B 250 2.76 6.47 10.01
N ASP B 251 2.70 7.44 10.91
CA ASP B 251 3.82 7.73 11.84
C ASP B 251 4.10 6.50 12.72
N GLU B 252 3.05 5.80 13.16
CA GLU B 252 3.20 4.57 13.98
C GLU B 252 3.93 3.48 13.18
N VAL B 253 3.65 3.30 11.89
CA VAL B 253 4.37 2.27 11.09
C VAL B 253 5.88 2.52 11.18
N VAL B 254 6.29 3.77 11.03
CA VAL B 254 7.73 4.14 11.07
C VAL B 254 8.28 3.84 12.47
N ALA B 255 7.55 4.18 13.51
CA ALA B 255 8.00 3.92 14.90
C ALA B 255 8.18 2.42 15.16
N LEU B 256 7.31 1.60 14.56
CA LEU B 256 7.30 0.14 14.81
C LEU B 256 8.29 -0.57 13.87
N GLN B 257 8.33 -0.21 12.60
CA GLN B 257 8.99 -1.03 11.55
C GLN B 257 10.30 -0.40 11.07
N GLY B 258 10.61 0.84 11.44
CA GLY B 258 11.86 1.50 11.02
C GLY B 258 12.98 1.19 11.98
N SER B 259 14.19 0.98 11.45
CA SER B 259 15.43 1.04 12.24
C SER B 259 15.51 2.42 12.89
N PRO B 260 16.32 2.60 13.95
CA PRO B 260 16.54 3.93 14.49
C PRO B 260 17.11 4.88 13.43
N THR B 261 17.93 4.37 12.52
CA THR B 261 18.50 5.16 11.39
C THR B 261 17.35 5.71 10.55
N CYS B 262 16.42 4.83 10.19
CA CYS B 262 15.24 5.20 9.38
C CYS B 262 14.39 6.23 10.12
N GLN B 263 14.11 6.00 11.41
CA GLN B 263 13.20 6.88 12.18
C GLN B 263 13.83 8.28 12.32
N VAL B 264 15.13 8.35 12.62
CA VAL B 264 15.83 9.65 12.75
C VAL B 264 15.76 10.37 11.40
N GLY B 265 15.99 9.66 10.30
CA GLY B 265 15.91 10.25 8.95
C GLY B 265 14.51 10.77 8.64
N TYR B 266 13.51 9.94 8.89
CA TYR B 266 12.08 10.28 8.61
C TYR B 266 11.69 11.55 9.37
N HIS B 267 11.99 11.60 10.66
CA HIS B 267 11.58 12.73 11.53
C HIS B 267 12.45 13.96 11.28
N ARG B 268 13.57 13.85 10.56
CA ARG B 268 14.32 15.06 10.17
C ARG B 268 13.51 15.89 9.18
N TRP B 269 12.71 15.23 8.34
CA TRP B 269 11.99 15.88 7.21
C TRP B 269 10.47 15.81 7.33
N ARG B 270 9.93 14.97 8.23
CA ARG B 270 8.46 14.86 8.42
C ARG B 270 7.88 16.24 8.73
N GLY B 271 6.82 16.62 8.01
CA GLY B 271 6.13 17.92 8.18
C GLY B 271 6.84 19.07 7.51
N ARG B 272 7.93 18.82 6.75
CA ARG B 272 8.81 19.89 6.22
C ARG B 272 9.12 19.71 4.72
N THR B 273 8.59 18.69 4.04
CA THR B 273 9.01 18.36 2.66
C THR B 273 8.28 19.19 1.60
N LEU B 274 7.09 19.74 1.90
CA LEU B 274 6.23 20.32 0.82
C LEU B 274 6.12 21.83 0.98
N PRO B 275 6.22 22.57 -0.15
CA PRO B 275 6.05 24.02 -0.14
C PRO B 275 4.55 24.36 -0.11
N THR B 276 4.21 25.61 0.21
CA THR B 276 2.81 26.07 0.27
C THR B 276 2.12 25.86 -1.08
N ALA B 277 2.86 25.86 -2.20
CA ALA B 277 2.29 25.68 -3.55
C ALA B 277 1.51 24.37 -3.65
N VAL B 278 1.88 23.33 -2.89
CA VAL B 278 1.17 22.03 -3.00
C VAL B 278 -0.25 22.18 -2.42
N ARG B 279 -0.40 22.71 -1.21
CA ARG B 279 -1.77 22.89 -0.63
C ARG B 279 -2.55 23.89 -1.51
N GLU B 280 -1.90 24.87 -2.13
CA GLU B 280 -2.60 25.84 -3.02
C GLU B 280 -3.13 25.11 -4.27
N LEU B 281 -2.34 24.20 -4.84
CA LEU B 281 -2.80 23.41 -6.00
C LEU B 281 -3.96 22.49 -5.58
N ALA B 282 -3.90 21.89 -4.39
CA ALA B 282 -5.01 21.04 -3.86
C ALA B 282 -6.31 21.87 -3.84
N ALA B 283 -6.24 23.11 -3.35
CA ALA B 283 -7.42 24.01 -3.29
C ALA B 283 -7.91 24.33 -4.72
N ARG B 284 -7.01 24.49 -5.69
CA ARG B 284 -7.34 24.79 -7.12
C ARG B 284 -8.09 23.59 -7.72
N VAL B 285 -7.63 22.37 -7.43
CA VAL B 285 -8.30 21.12 -7.90
C VAL B 285 -9.70 21.08 -7.27
N LEU B 286 -9.81 21.35 -5.98
CA LEU B 286 -11.13 21.29 -5.30
C LEU B 286 -12.06 22.37 -5.90
N ASP B 287 -11.53 23.54 -6.25
CA ASP B 287 -12.32 24.61 -6.91
C ASP B 287 -12.87 24.08 -8.25
N GLN B 288 -12.06 23.37 -9.03
CA GLN B 288 -12.49 22.82 -10.34
C GLN B 288 -13.63 21.82 -10.12
N ILE B 289 -13.55 21.04 -9.05
CA ILE B 289 -14.53 19.99 -8.71
C ILE B 289 -15.83 20.65 -8.24
N GLU B 290 -15.77 21.59 -7.29
CA GLU B 290 -16.96 22.11 -6.60
C GLU B 290 -17.79 22.99 -7.54
N GLY B 291 -17.14 23.62 -8.54
CA GLY B 291 -17.77 24.68 -9.36
C GLY B 291 -18.23 24.20 -10.73
N GLY B 292 -18.06 22.91 -11.05
CA GLY B 292 -18.57 22.30 -12.29
C GLY B 292 -17.55 22.24 -13.42
N ASP B 293 -16.36 22.82 -13.26
CA ASP B 293 -15.30 22.83 -14.30
C ASP B 293 -14.94 21.37 -14.62
N PHE B 294 -14.66 20.54 -13.62
CA PHE B 294 -14.32 19.13 -13.89
C PHE B 294 -15.47 18.44 -14.61
N SER B 295 -16.72 18.65 -14.18
CA SER B 295 -17.90 17.96 -14.77
C SER B 295 -17.99 18.28 -16.27
N ALA B 296 -17.73 19.52 -16.66
CA ALA B 296 -17.72 19.96 -18.08
C ALA B 296 -16.55 19.29 -18.82
N TYR B 297 -15.38 19.19 -18.18
CA TYR B 297 -14.18 18.54 -18.75
C TYR B 297 -14.50 17.05 -18.99
N LEU B 298 -15.09 16.39 -17.99
CA LEU B 298 -15.48 14.95 -18.08
C LEU B 298 -16.44 14.75 -19.25
N LYS B 299 -17.45 15.61 -19.40
CA LYS B 299 -18.45 15.46 -20.49
C LYS B 299 -17.73 15.56 -21.85
N GLU B 300 -16.77 16.49 -22.00
CA GLU B 300 -15.97 16.65 -23.24
C GLU B 300 -15.17 15.36 -23.49
N GLN B 301 -14.47 14.87 -22.46
CA GLN B 301 -13.54 13.72 -22.54
C GLN B 301 -14.29 12.43 -22.89
N ALA B 302 -15.55 12.30 -22.48
CA ALA B 302 -16.39 11.10 -22.76
C ALA B 302 -16.60 10.97 -24.27
N SER B 303 -16.39 12.05 -25.05
CA SER B 303 -16.57 12.10 -26.52
C SER B 303 -15.77 11.01 -27.23
N ASN B 304 -16.39 10.42 -28.26
CA ASN B 304 -15.82 9.32 -29.09
C ASN B 304 -15.22 8.26 -28.16
N ASP B 305 -16.02 7.84 -27.17
CA ASP B 305 -15.72 6.72 -26.24
C ASP B 305 -14.35 6.98 -25.59
N TYR B 306 -14.18 8.16 -24.98
CA TYR B 306 -12.97 8.55 -24.19
C TYR B 306 -11.70 8.43 -25.04
N ALA B 307 -11.68 8.97 -26.26
CA ALA B 307 -10.52 8.85 -27.17
C ALA B 307 -9.28 9.51 -26.55
N SER B 308 -9.45 10.66 -25.91
CA SER B 308 -8.32 11.42 -25.30
C SER B 308 -7.71 10.59 -24.17
N LEU B 309 -8.54 9.89 -23.39
CA LEU B 309 -8.05 9.02 -22.29
C LEU B 309 -7.20 7.88 -22.88
N ASP B 310 -7.59 7.32 -24.04
CA ASP B 310 -6.78 6.29 -24.73
C ASP B 310 -5.38 6.85 -25.00
N ASP B 311 -5.30 8.07 -25.53
CA ASP B 311 -4.00 8.73 -25.83
C ASP B 311 -3.20 8.89 -24.53
N ALA B 312 -3.84 9.34 -23.45
CA ALA B 312 -3.18 9.56 -22.15
C ALA B 312 -2.65 8.24 -21.58
N ARG B 313 -3.46 7.19 -21.62
CA ARG B 313 -3.08 5.87 -21.07
C ARG B 313 -1.84 5.36 -21.83
N ARG B 314 -1.87 5.46 -23.16
CA ARG B 314 -0.77 4.94 -24.00
C ARG B 314 0.48 5.79 -23.77
N ALA B 315 0.35 7.10 -23.68
CA ALA B 315 1.53 7.97 -23.46
C ALA B 315 2.16 7.66 -22.10
N ALA B 316 1.34 7.39 -21.09
CA ALA B 316 1.85 7.19 -19.71
C ALA B 316 2.78 5.98 -19.69
N LEU B 317 2.48 4.94 -20.48
CA LEU B 317 3.26 3.67 -20.47
C LEU B 317 4.67 3.92 -21.01
N LYS B 318 4.88 5.00 -21.77
CA LYS B 318 6.18 5.32 -22.42
C LYS B 318 7.04 6.19 -21.49
N ARG B 319 6.50 6.67 -20.37
CA ARG B 319 7.29 7.49 -19.41
C ARG B 319 8.41 6.62 -18.84
N PRO B 320 9.60 7.19 -18.58
CA PRO B 320 10.71 6.44 -17.99
C PRO B 320 10.34 5.56 -16.80
N LEU B 321 9.48 6.04 -15.90
CA LEU B 321 9.05 5.24 -14.72
C LEU B 321 8.46 3.90 -15.17
N ASN B 322 7.62 3.92 -16.21
CA ASN B 322 6.88 2.72 -16.65
C ASN B 322 7.76 1.85 -17.55
N VAL B 323 8.71 2.44 -18.27
CA VAL B 323 9.73 1.65 -19.02
C VAL B 323 10.57 0.88 -17.98
N ALA B 324 11.02 1.56 -16.93
CA ALA B 324 11.79 0.93 -15.83
C ALA B 324 10.92 -0.11 -15.12
N HIS B 325 9.63 0.17 -14.91
CA HIS B 325 8.73 -0.82 -14.27
C HIS B 325 8.81 -2.15 -15.02
N ALA B 326 8.69 -2.12 -16.34
CA ALA B 326 8.64 -3.38 -17.14
C ALA B 326 9.97 -4.12 -16.98
N GLN B 327 11.10 -3.39 -16.95
CA GLN B 327 12.45 -4.01 -16.81
C GLN B 327 12.56 -4.65 -15.42
N VAL B 328 12.12 -3.94 -14.39
CA VAL B 328 12.22 -4.43 -13.00
C VAL B 328 11.30 -5.64 -12.81
N ARG B 329 10.07 -5.56 -13.29
CA ARG B 329 9.07 -6.62 -13.03
C ARG B 329 9.51 -7.89 -13.76
N ALA B 330 10.23 -7.79 -14.88
CA ALA B 330 10.75 -8.97 -15.60
C ALA B 330 11.92 -9.58 -14.84
N ALA B 331 12.66 -8.78 -14.07
CA ALA B 331 13.92 -9.18 -13.39
C ALA B 331 13.70 -9.64 -11.95
N PHE B 332 12.60 -9.22 -11.32
CA PHE B 332 12.29 -9.51 -9.89
C PHE B 332 10.88 -10.06 -9.79
N ARG B 333 10.72 -11.21 -9.13
CA ARG B 333 9.41 -11.84 -8.93
C ARG B 333 8.69 -11.13 -7.77
N PHE B 334 7.50 -10.61 -8.05
CA PHE B 334 6.62 -9.94 -7.06
C PHE B 334 5.59 -10.94 -6.55
N PRO B 335 5.38 -11.01 -5.21
CA PRO B 335 4.42 -11.94 -4.63
C PRO B 335 2.99 -11.63 -5.10
N THR B 336 2.35 -12.59 -5.76
CA THR B 336 0.95 -12.50 -6.24
C THR B 336 0.17 -13.74 -5.82
N GLU B 337 -1.14 -13.58 -5.63
CA GLU B 337 -2.12 -14.65 -5.38
C GLU B 337 -2.85 -14.96 -6.69
N ALA B 338 -3.11 -16.24 -6.99
CA ALA B 338 -3.88 -16.68 -8.18
C ALA B 338 -5.26 -15.99 -8.14
N ALA B 339 -5.70 -15.43 -9.27
CA ALA B 339 -6.95 -14.65 -9.36
C ALA B 339 -8.01 -15.36 -10.22
N GLY B 340 -7.65 -16.43 -10.93
CA GLY B 340 -8.61 -17.16 -11.78
C GLY B 340 -9.76 -17.71 -10.97
N GLY B 341 -11.00 -17.43 -11.40
CA GLY B 341 -12.23 -17.93 -10.75
C GLY B 341 -12.60 -17.17 -9.48
N LEU B 342 -11.96 -16.03 -9.21
CA LEU B 342 -12.19 -15.23 -7.96
C LEU B 342 -13.68 -14.85 -7.84
N TYR B 343 -14.38 -14.66 -8.97
CA TYR B 343 -15.79 -14.18 -9.00
C TYR B 343 -16.79 -15.29 -9.34
N GLN B 344 -16.35 -16.54 -9.42
CA GLN B 344 -17.25 -17.72 -9.53
C GLN B 344 -17.82 -18.02 -8.14
N ALA B 345 -18.99 -18.67 -8.07
CA ALA B 345 -19.74 -18.93 -6.82
C ALA B 345 -18.83 -19.60 -5.79
#